data_7V8S
#
_entry.id   7V8S
#
_cell.length_a   61.122
_cell.length_b   164.034
_cell.length_c   62.052
_cell.angle_alpha   90.000
_cell.angle_beta   115.880
_cell.angle_gamma   90.000
#
_symmetry.space_group_name_H-M   'P 1 21 1'
#
loop_
_entity.id
_entity.type
_entity.pdbx_description
1 polymer 'Cyclohexanone Monooxygenase from Thermocrispum municipale'
2 non-polymer 'FLAVIN-ADENINE DINUCLEOTIDE'
3 non-polymer 'NADP NICOTINAMIDE-ADENINE-DINUCLEOTIDE PHOSPHATE'
4 non-polymer 'SODIUM ION'
5 water water
#
_entity_poly.entity_id   1
_entity_poly.type   'polypeptide(L)'
_entity_poly.pdbx_seq_one_letter_code
;MSTTQTPDLDAIVIGAGFGGIYMLHKLRNDLGLSVRVFEKGGGVGGTWYWNKYPGAKSDTEGFVYRYSFDKELLREYDWT
TRYLDQPDVLAYLEHVVERYDLARDIQLNTEVTDAIFDEETELWRVTTAGGETLTARFLVTALGLLSRSNIPDIPGRDSF
AGRLVHTNAWPEDLDITGKRVGVIGTGSTGTQFIVAAAKMAEQLTVFQRTPQYCVPSGNGPMDPDEVARIKQNFDSIWDQ
VRSSTVAFGFEESTVEAMSVSESERQRVFQQAWDKGNGFRFMFGTFCDIATNPEANAAAAAFIRSKIAEIVKDPETARKL
TPTDLYAKRPLCNEGYYETYNRDNVSLVSLKETPIEEIVPQGVRTSDGVVHELDVLVFATGFDAVDGNYRAMNLRGRDGR
HINEHWTEGPTSYLGVTKAGFPNMFMILGPNGPFTNTPPSIEAQVEWISDLIDKATREGLTTVEPTADAEREWTETCAEI
ANMTLFPKADSWIFGANIPGKRHAVMFYLGGLGNYRRQLADVADGGYRGFQLRGERAQAVA
;
_entity_poly.pdbx_strand_id   A,B
#
loop_
_chem_comp.id
_chem_comp.type
_chem_comp.name
_chem_comp.formula
FAD non-polymer 'FLAVIN-ADENINE DINUCLEOTIDE' 'C27 H33 N9 O15 P2'
NA non-polymer 'SODIUM ION' 'Na 1'
NAP non-polymer 'NADP NICOTINAMIDE-ADENINE-DINUCLEOTIDE PHOSPHATE' 'C21 H28 N7 O17 P3'
#
# COMPACT_ATOMS: atom_id res chain seq x y z
N THR A 6 -20.03 17.85 -11.57
CA THR A 6 -18.71 18.14 -12.21
C THR A 6 -17.62 17.34 -11.52
N PRO A 7 -16.97 16.38 -12.22
CA PRO A 7 -15.93 15.55 -11.61
C PRO A 7 -14.60 16.28 -11.54
N ASP A 8 -13.70 15.87 -10.64
CA ASP A 8 -12.31 16.38 -10.60
C ASP A 8 -11.62 16.06 -11.94
N LEU A 9 -11.91 14.89 -12.53
CA LEU A 9 -11.27 14.43 -13.79
C LEU A 9 -12.34 13.84 -14.72
N ASP A 10 -12.15 13.97 -16.03
CA ASP A 10 -13.02 13.28 -17.02
C ASP A 10 -12.89 11.77 -16.79
N ALA A 11 -11.65 11.28 -16.67
CA ALA A 11 -11.32 9.84 -16.60
C ALA A 11 -10.20 9.57 -15.59
N ILE A 12 -10.35 8.48 -14.85
CA ILE A 12 -9.26 7.87 -14.05
C ILE A 12 -8.95 6.50 -14.66
N VAL A 13 -7.67 6.24 -14.93
CA VAL A 13 -7.10 4.97 -15.43
C VAL A 13 -6.27 4.36 -14.30
N ILE A 14 -6.41 3.06 -14.07
CA ILE A 14 -5.68 2.30 -13.01
C ILE A 14 -4.78 1.29 -13.72
N GLY A 15 -3.47 1.42 -13.51
CA GLY A 15 -2.43 0.57 -14.11
C GLY A 15 -1.66 1.29 -15.21
N ALA A 16 -0.34 1.07 -15.26
CA ALA A 16 0.56 1.66 -16.26
C ALA A 16 1.38 0.57 -16.92
N GLY A 17 0.76 -0.60 -17.17
CA GLY A 17 1.30 -1.60 -18.10
C GLY A 17 0.97 -1.19 -19.51
N PHE A 18 1.16 -2.08 -20.49
CA PHE A 18 0.74 -1.89 -21.91
C PHE A 18 -0.65 -1.27 -21.98
N GLY A 19 -1.58 -1.73 -21.14
CA GLY A 19 -3.01 -1.34 -21.21
C GLY A 19 -3.23 0.10 -20.78
N GLY A 20 -2.85 0.44 -19.56
CA GLY A 20 -3.07 1.78 -19.00
C GLY A 20 -2.33 2.86 -19.78
N ILE A 21 -1.11 2.55 -20.23
CA ILE A 21 -0.28 3.51 -21.02
C ILE A 21 -1.07 3.91 -22.27
N TYR A 22 -1.57 2.95 -23.07
CA TYR A 22 -2.21 3.26 -24.37
C TYR A 22 -3.55 3.96 -24.11
N MET A 23 -4.26 3.55 -23.07
CA MET A 23 -5.57 4.14 -22.68
C MET A 23 -5.36 5.62 -22.32
N LEU A 24 -4.36 5.95 -21.50
CA LEU A 24 -4.02 7.37 -21.19
C LEU A 24 -3.73 8.12 -22.49
N HIS A 25 -2.95 7.55 -23.41
CA HIS A 25 -2.60 8.22 -24.68
C HIS A 25 -3.86 8.63 -25.45
N LYS A 26 -4.81 7.71 -25.63
CA LYS A 26 -6.08 7.97 -26.36
C LYS A 26 -6.86 9.09 -25.67
N LEU A 27 -7.06 8.99 -24.35
CA LEU A 27 -7.98 9.88 -23.60
C LEU A 27 -7.37 11.29 -23.47
N ARG A 28 -6.06 11.38 -23.25
CA ARG A 28 -5.35 12.68 -23.03
C ARG A 28 -4.98 13.28 -24.38
N ASN A 29 -4.19 12.54 -25.20
CA ASN A 29 -3.59 13.09 -26.46
C ASN A 29 -4.65 13.19 -27.56
N ASP A 30 -5.50 12.17 -27.75
CA ASP A 30 -6.45 12.15 -28.89
C ASP A 30 -7.77 12.86 -28.51
N LEU A 31 -8.42 12.50 -27.41
CA LEU A 31 -9.75 13.05 -27.05
C LEU A 31 -9.61 14.38 -26.29
N GLY A 32 -8.43 14.66 -25.73
CA GLY A 32 -8.17 15.92 -25.00
C GLY A 32 -8.90 15.99 -23.67
N LEU A 33 -9.23 14.84 -23.06
CA LEU A 33 -9.90 14.76 -21.72
C LEU A 33 -8.85 14.97 -20.63
N SER A 34 -9.29 15.47 -19.47
CA SER A 34 -8.49 15.50 -18.21
C SER A 34 -8.46 14.07 -17.66
N VAL A 35 -7.27 13.50 -17.48
CA VAL A 35 -7.06 12.05 -17.18
C VAL A 35 -5.90 11.94 -16.19
N ARG A 36 -5.97 10.99 -15.27
CA ARG A 36 -4.80 10.57 -14.46
C ARG A 36 -4.75 9.04 -14.46
N VAL A 37 -3.55 8.49 -14.58
CA VAL A 37 -3.26 7.05 -14.30
C VAL A 37 -2.72 6.94 -12.87
N PHE A 38 -3.28 6.03 -12.08
CA PHE A 38 -2.73 5.56 -10.79
C PHE A 38 -2.13 4.16 -10.97
N GLU A 39 -0.83 4.04 -10.71
CA GLU A 39 -0.07 2.76 -10.75
C GLU A 39 0.62 2.60 -9.39
N LYS A 40 0.36 1.48 -8.71
CA LYS A 40 0.88 1.23 -7.33
C LYS A 40 2.39 0.94 -7.42
N GLY A 41 2.87 0.48 -8.57
CA GLY A 41 4.30 0.22 -8.84
C GLY A 41 5.11 1.49 -8.80
N GLY A 42 6.42 1.38 -8.52
CA GLY A 42 7.37 2.51 -8.42
C GLY A 42 7.84 2.99 -9.80
N GLY A 43 7.44 2.29 -10.86
CA GLY A 43 7.67 2.69 -12.26
C GLY A 43 6.59 2.15 -13.17
N VAL A 44 6.50 2.70 -14.39
CA VAL A 44 5.61 2.22 -15.49
C VAL A 44 6.15 0.87 -15.95
N GLY A 45 5.30 0.11 -16.65
CA GLY A 45 5.70 -1.08 -17.42
C GLY A 45 4.90 -2.32 -17.05
N GLY A 46 4.20 -2.28 -15.91
CA GLY A 46 3.42 -3.43 -15.40
C GLY A 46 4.31 -4.65 -15.29
N THR A 47 3.95 -5.74 -15.96
CA THR A 47 4.76 -6.98 -16.11
C THR A 47 6.25 -6.65 -16.15
N TRP A 48 6.64 -5.70 -16.99
CA TRP A 48 8.05 -5.44 -17.38
C TRP A 48 8.74 -4.53 -16.36
N TYR A 49 7.99 -4.04 -15.36
CA TYR A 49 8.54 -3.37 -14.15
C TYR A 49 8.78 -4.43 -13.07
N TRP A 50 7.74 -5.23 -12.77
CA TRP A 50 7.71 -6.15 -11.60
C TRP A 50 8.66 -7.34 -11.80
N ASN A 51 8.66 -7.97 -12.98
CA ASN A 51 9.37 -9.26 -13.22
C ASN A 51 10.84 -9.00 -13.55
N LYS A 52 11.66 -8.71 -12.53
CA LYS A 52 13.08 -8.32 -12.66
C LYS A 52 14.00 -9.55 -12.58
N TYR A 53 13.43 -10.76 -12.53
CA TYR A 53 14.18 -12.03 -12.31
C TYR A 53 15.03 -12.36 -13.53
N PRO A 54 16.18 -13.04 -13.35
CA PRO A 54 17.02 -13.42 -14.48
C PRO A 54 16.29 -14.38 -15.42
N GLY A 55 16.39 -14.13 -16.73
CA GLY A 55 15.74 -14.90 -17.80
C GLY A 55 14.40 -14.28 -18.22
N ALA A 56 13.87 -13.30 -17.48
CA ALA A 56 12.53 -12.71 -17.74
C ALA A 56 12.51 -12.19 -19.18
N LYS A 57 11.60 -12.69 -20.02
CA LYS A 57 11.55 -12.28 -21.44
C LYS A 57 10.19 -12.63 -22.06
N SER A 58 9.87 -11.99 -23.20
CA SER A 58 8.63 -12.25 -23.98
C SER A 58 8.68 -13.66 -24.59
N ASP A 59 7.51 -14.28 -24.76
CA ASP A 59 7.36 -15.55 -25.53
C ASP A 59 6.55 -15.26 -26.80
N THR A 60 6.08 -14.01 -26.97
CA THR A 60 5.78 -13.43 -28.31
C THR A 60 7.10 -12.98 -28.93
N GLU A 61 7.32 -13.25 -30.21
CA GLU A 61 8.54 -12.77 -30.92
C GLU A 61 8.48 -11.23 -30.95
N GLY A 62 9.63 -10.59 -30.79
CA GLY A 62 9.73 -9.14 -30.56
C GLY A 62 9.01 -8.36 -31.65
N PHE A 63 9.02 -8.84 -32.89
CA PHE A 63 8.54 -8.03 -34.04
C PHE A 63 7.07 -7.62 -33.82
N VAL A 64 6.27 -8.43 -33.14
CA VAL A 64 4.83 -8.12 -32.88
C VAL A 64 4.57 -8.06 -31.36
N TYR A 65 5.59 -7.99 -30.51
CA TYR A 65 5.36 -7.71 -29.07
C TYR A 65 5.59 -6.22 -28.79
N ARG A 66 4.66 -5.40 -29.25
CA ARG A 66 4.79 -3.93 -29.33
C ARG A 66 3.47 -3.33 -29.85
N TYR A 67 3.29 -2.03 -29.67
CA TYR A 67 2.15 -1.27 -30.22
C TYR A 67 2.25 -1.25 -31.74
N SER A 68 1.11 -1.15 -32.43
CA SER A 68 1.01 -1.05 -33.91
C SER A 68 0.44 0.31 -34.31
N PHE A 69 -0.13 1.08 -33.37
CA PHE A 69 -1.04 2.21 -33.67
C PHE A 69 -0.31 3.40 -34.29
N ASP A 70 1.01 3.51 -34.10
CA ASP A 70 1.82 4.67 -34.57
C ASP A 70 2.92 4.19 -35.52
N LYS A 71 2.77 4.48 -36.81
CA LYS A 71 3.72 4.03 -37.87
C LYS A 71 5.11 4.65 -37.63
N GLU A 72 5.16 5.84 -37.06
CA GLU A 72 6.44 6.55 -36.79
C GLU A 72 7.25 5.73 -35.76
N LEU A 73 6.62 5.25 -34.68
CA LEU A 73 7.31 4.42 -33.65
C LEU A 73 7.72 3.08 -34.27
N LEU A 74 6.84 2.46 -35.08
CA LEU A 74 7.18 1.22 -35.84
C LEU A 74 8.41 1.45 -36.73
N ARG A 75 8.51 2.59 -37.42
CA ARG A 75 9.66 2.89 -38.32
C ARG A 75 10.95 3.03 -37.49
N GLU A 76 10.87 3.67 -36.31
CA GLU A 76 12.04 4.20 -35.58
C GLU A 76 12.63 3.13 -34.65
N TYR A 77 11.79 2.45 -33.86
CA TYR A 77 12.27 1.62 -32.72
C TYR A 77 12.94 0.34 -33.24
N ASP A 78 14.08 -0.01 -32.62
CA ASP A 78 14.96 -1.14 -32.99
CA ASP A 78 14.93 -1.17 -33.01
C ASP A 78 14.90 -2.21 -31.87
N TRP A 79 14.83 -3.48 -32.22
CA TRP A 79 15.06 -4.63 -31.30
C TRP A 79 16.19 -5.49 -31.88
N THR A 80 16.95 -6.18 -31.01
CA THR A 80 18.24 -6.82 -31.38
C THR A 80 18.20 -8.33 -31.12
N THR A 81 17.15 -8.84 -30.46
CA THR A 81 16.98 -10.28 -30.12
C THR A 81 15.59 -10.71 -30.59
N ARG A 82 15.43 -11.96 -31.02
CA ARG A 82 14.15 -12.46 -31.60
C ARG A 82 13.05 -12.33 -30.55
N TYR A 83 13.36 -12.58 -29.27
CA TYR A 83 12.46 -12.35 -28.11
C TYR A 83 13.05 -11.23 -27.24
N LEU A 84 12.18 -10.46 -26.60
CA LEU A 84 12.54 -9.21 -25.86
C LEU A 84 12.83 -9.55 -24.40
N ASP A 85 14.06 -9.28 -23.92
CA ASP A 85 14.42 -9.41 -22.48
C ASP A 85 13.65 -8.34 -21.72
N GLN A 86 13.36 -8.57 -20.43
CA GLN A 86 12.51 -7.67 -19.60
C GLN A 86 13.07 -6.25 -19.61
N PRO A 87 14.39 -6.02 -19.42
CA PRO A 87 14.92 -4.65 -19.45
C PRO A 87 14.62 -3.95 -20.79
N ASP A 88 14.59 -4.69 -21.89
CA ASP A 88 14.35 -4.11 -23.25
C ASP A 88 12.86 -3.80 -23.45
N VAL A 89 11.94 -4.64 -22.93
CA VAL A 89 10.48 -4.30 -23.01
C VAL A 89 10.21 -3.09 -22.12
N LEU A 90 10.87 -2.99 -20.97
CA LEU A 90 10.66 -1.88 -20.01
C LEU A 90 11.15 -0.57 -20.64
N ALA A 91 12.32 -0.58 -21.28
CA ALA A 91 12.88 0.60 -21.97
C ALA A 91 11.93 1.04 -23.09
N TYR A 92 11.32 0.09 -23.82
CA TYR A 92 10.34 0.39 -24.90
C TYR A 92 9.17 1.18 -24.30
N LEU A 93 8.61 0.69 -23.19
CA LEU A 93 7.40 1.28 -22.56
C LEU A 93 7.76 2.63 -21.95
N GLU A 94 8.98 2.78 -21.42
CA GLU A 94 9.49 4.07 -20.88
C GLU A 94 9.64 5.07 -22.04
N HIS A 95 10.13 4.61 -23.19
CA HIS A 95 10.23 5.46 -24.41
C HIS A 95 8.84 5.92 -24.86
N VAL A 96 7.85 5.01 -24.86
CA VAL A 96 6.45 5.34 -25.27
C VAL A 96 5.92 6.45 -24.34
N VAL A 97 6.06 6.28 -23.02
CA VAL A 97 5.66 7.30 -22.00
C VAL A 97 6.37 8.63 -22.29
N GLU A 98 7.68 8.58 -22.58
CA GLU A 98 8.52 9.77 -22.89
C GLU A 98 7.97 10.48 -24.15
N ARG A 99 7.86 9.77 -25.27
CA ARG A 99 7.62 10.43 -26.60
C ARG A 99 6.20 11.00 -26.66
N TYR A 100 5.21 10.34 -26.04
CA TYR A 100 3.79 10.76 -26.04
C TYR A 100 3.50 11.70 -24.87
N ASP A 101 4.53 12.07 -24.09
CA ASP A 101 4.43 13.11 -23.03
C ASP A 101 3.37 12.67 -22.00
N LEU A 102 3.47 11.43 -21.51
CA LEU A 102 2.46 10.77 -20.65
C LEU A 102 2.83 10.87 -19.17
N ALA A 103 4.11 10.93 -18.80
CA ALA A 103 4.59 10.83 -17.40
C ALA A 103 3.88 11.85 -16.50
N ARG A 104 3.65 13.08 -17.00
CA ARG A 104 3.02 14.16 -16.20
C ARG A 104 1.62 13.76 -15.72
N ASP A 105 0.96 12.78 -16.35
CA ASP A 105 -0.42 12.36 -15.97
C ASP A 105 -0.44 10.90 -15.47
N ILE A 106 0.72 10.34 -15.15
CA ILE A 106 0.87 9.03 -14.44
C ILE A 106 1.41 9.30 -13.04
N GLN A 107 0.69 8.87 -12.02
CA GLN A 107 1.08 9.02 -10.60
C GLN A 107 1.48 7.63 -10.08
N LEU A 108 2.79 7.44 -9.87
CA LEU A 108 3.39 6.16 -9.44
C LEU A 108 3.19 5.99 -7.93
N ASN A 109 3.38 4.75 -7.47
CA ASN A 109 3.35 4.36 -6.03
C ASN A 109 1.94 4.46 -5.47
N THR A 110 0.94 4.68 -6.33
CA THR A 110 -0.44 5.02 -5.91
C THR A 110 -1.36 3.83 -6.20
N GLU A 111 -1.72 3.09 -5.16
CA GLU A 111 -2.70 1.98 -5.19
C GLU A 111 -4.10 2.58 -4.98
N VAL A 112 -5.01 2.30 -5.92
CA VAL A 112 -6.47 2.56 -5.73
C VAL A 112 -7.02 1.46 -4.83
N THR A 113 -7.51 1.83 -3.64
CA THR A 113 -8.09 0.92 -2.63
C THR A 113 -9.62 0.85 -2.79
N ASP A 114 -10.23 1.96 -3.25
CA ASP A 114 -11.71 2.10 -3.38
C ASP A 114 -12.05 2.73 -4.74
N ALA A 115 -13.03 2.17 -5.43
CA ALA A 115 -13.72 2.81 -6.58
C ALA A 115 -15.21 2.57 -6.37
N ILE A 116 -15.96 3.64 -6.09
CA ILE A 116 -17.37 3.59 -5.62
C ILE A 116 -18.22 4.39 -6.61
N PHE A 117 -19.19 3.76 -7.26
CA PHE A 117 -20.13 4.48 -8.15
C PHE A 117 -21.15 5.20 -7.28
N ASP A 118 -21.18 6.52 -7.38
CA ASP A 118 -22.13 7.38 -6.64
C ASP A 118 -23.36 7.55 -7.52
N GLU A 119 -24.47 6.88 -7.16
CA GLU A 119 -25.70 6.87 -7.98
C GLU A 119 -26.37 8.25 -7.99
N GLU A 120 -26.10 9.11 -7.00
CA GLU A 120 -26.70 10.48 -6.91
C GLU A 120 -26.03 11.40 -7.96
N THR A 121 -24.70 11.42 -8.05
CA THR A 121 -23.90 12.29 -8.96
C THR A 121 -23.66 11.60 -10.32
N GLU A 122 -23.82 10.27 -10.37
CA GLU A 122 -23.38 9.42 -11.51
C GLU A 122 -21.90 9.69 -11.82
N LEU A 123 -21.07 9.80 -10.78
CA LEU A 123 -19.58 9.86 -10.92
C LEU A 123 -18.95 8.70 -10.15
N TRP A 124 -17.78 8.25 -10.59
CA TRP A 124 -16.87 7.34 -9.82
C TRP A 124 -16.10 8.13 -8.76
N ARG A 125 -16.18 7.69 -7.51
CA ARG A 125 -15.38 8.23 -6.38
C ARG A 125 -14.22 7.27 -6.09
N VAL A 126 -12.99 7.70 -6.38
CA VAL A 126 -11.76 6.86 -6.30
C VAL A 126 -10.94 7.26 -5.07
N THR A 127 -10.52 6.29 -4.25
CA THR A 127 -9.67 6.54 -3.05
C THR A 127 -8.35 5.78 -3.23
N THR A 128 -7.24 6.46 -2.94
CA THR A 128 -5.87 5.91 -2.97
C THR A 128 -5.46 5.51 -1.56
N ALA A 129 -4.50 4.58 -1.44
CA ALA A 129 -3.84 4.21 -0.17
C ALA A 129 -3.19 5.45 0.45
N GLY A 130 -2.74 6.40 -0.37
CA GLY A 130 -2.15 7.68 0.08
C GLY A 130 -3.17 8.69 0.61
N GLY A 131 -4.48 8.39 0.57
CA GLY A 131 -5.52 9.22 1.20
C GLY A 131 -6.02 10.34 0.29
N GLU A 132 -5.93 10.19 -1.03
CA GLU A 132 -6.60 11.07 -2.01
C GLU A 132 -7.95 10.45 -2.39
N THR A 133 -9.00 11.27 -2.39
CA THR A 133 -10.30 10.96 -3.02
C THR A 133 -10.52 11.93 -4.19
N LEU A 134 -10.65 11.41 -5.40
CA LEU A 134 -10.93 12.20 -6.62
C LEU A 134 -12.20 11.63 -7.28
N THR A 135 -12.95 12.45 -8.00
CA THR A 135 -14.15 12.00 -8.75
C THR A 135 -13.77 11.98 -10.23
N ALA A 136 -14.29 11.00 -10.98
CA ALA A 136 -14.16 10.92 -12.45
C ALA A 136 -15.50 10.48 -13.05
N ARG A 137 -15.83 10.97 -14.25
CA ARG A 137 -16.99 10.45 -15.00
C ARG A 137 -16.67 9.02 -15.45
N PHE A 138 -15.49 8.79 -16.03
CA PHE A 138 -15.11 7.48 -16.62
C PHE A 138 -13.98 6.83 -15.82
N LEU A 139 -14.09 5.53 -15.62
CA LEU A 139 -13.11 4.69 -14.89
C LEU A 139 -12.68 3.57 -15.83
N VAL A 140 -11.37 3.44 -16.06
CA VAL A 140 -10.80 2.35 -16.89
C VAL A 140 -9.80 1.59 -16.01
N THR A 141 -10.09 0.32 -15.77
CA THR A 141 -9.25 -0.58 -14.93
C THR A 141 -8.42 -1.49 -15.86
N ALA A 142 -7.12 -1.21 -15.94
CA ALA A 142 -6.12 -2.04 -16.65
C ALA A 142 -5.24 -2.72 -15.60
N LEU A 143 -5.87 -3.57 -14.78
CA LEU A 143 -5.31 -4.11 -13.51
C LEU A 143 -4.42 -5.31 -13.79
N GLY A 144 -4.52 -5.90 -14.99
CA GLY A 144 -3.67 -7.02 -15.44
C GLY A 144 -4.31 -8.37 -15.19
N LEU A 145 -4.28 -9.24 -16.21
CA LEU A 145 -4.70 -10.66 -16.13
C LEU A 145 -3.73 -11.43 -15.24
N LEU A 146 -2.47 -11.01 -15.21
CA LEU A 146 -1.32 -11.78 -14.65
C LEU A 146 -0.46 -10.82 -13.84
N SER A 147 -1.08 -10.17 -12.86
CA SER A 147 -0.49 -9.08 -12.04
C SER A 147 -0.52 -9.42 -10.55
N ARG A 148 -1.59 -10.04 -10.04
CA ARG A 148 -1.70 -10.37 -8.60
C ARG A 148 -0.98 -11.69 -8.31
N SER A 149 0.16 -11.58 -7.64
CA SER A 149 1.06 -12.68 -7.19
C SER A 149 0.26 -13.73 -6.42
N ASN A 150 0.42 -14.99 -6.82
CA ASN A 150 -0.04 -16.17 -6.06
C ASN A 150 1.15 -16.74 -5.30
N ILE A 151 1.10 -16.70 -3.97
CA ILE A 151 2.13 -17.24 -3.02
C ILE A 151 1.42 -18.25 -2.12
N PRO A 152 1.45 -19.56 -2.47
CA PRO A 152 0.84 -20.59 -1.66
C PRO A 152 1.29 -20.56 -0.19
N ASP A 153 0.39 -20.93 0.72
CA ASP A 153 0.65 -21.08 2.17
C ASP A 153 1.24 -22.47 2.40
N ILE A 154 2.42 -22.74 1.85
CA ILE A 154 3.18 -23.98 2.13
C ILE A 154 3.57 -23.92 3.61
N PRO A 155 3.28 -24.96 4.41
CA PRO A 155 3.65 -24.96 5.83
C PRO A 155 5.10 -24.52 6.07
N GLY A 156 5.30 -23.57 6.99
CA GLY A 156 6.60 -23.06 7.46
C GLY A 156 7.23 -22.05 6.51
N ARG A 157 6.53 -21.60 5.48
CA ARG A 157 7.05 -20.67 4.43
C ARG A 157 7.80 -19.48 5.07
N ASP A 158 7.20 -18.87 6.09
CA ASP A 158 7.70 -17.60 6.70
C ASP A 158 8.92 -17.88 7.59
N SER A 159 9.25 -19.15 7.84
CA SER A 159 10.40 -19.56 8.71
C SER A 159 11.70 -19.58 7.90
N PHE A 160 11.65 -19.55 6.56
CA PHE A 160 12.85 -19.59 5.70
C PHE A 160 13.80 -18.46 6.10
N ALA A 161 15.08 -18.77 6.34
CA ALA A 161 16.05 -17.83 6.94
C ALA A 161 16.73 -17.01 5.84
N GLY A 162 16.74 -17.51 4.59
CA GLY A 162 17.39 -16.81 3.47
C GLY A 162 16.42 -15.87 2.76
N ARG A 163 16.68 -15.61 1.48
CA ARG A 163 15.88 -14.67 0.65
C ARG A 163 14.75 -15.47 -0.03
N LEU A 164 13.50 -15.23 0.39
CA LEU A 164 12.31 -15.88 -0.19
C LEU A 164 11.54 -14.85 -1.03
N VAL A 165 11.41 -15.08 -2.33
CA VAL A 165 10.80 -14.08 -3.26
C VAL A 165 9.87 -14.80 -4.24
N HIS A 166 8.75 -14.16 -4.56
CA HIS A 166 7.93 -14.44 -5.76
C HIS A 166 8.60 -13.76 -6.96
N THR A 167 8.55 -14.41 -8.13
CA THR A 167 9.19 -13.90 -9.36
C THR A 167 8.65 -12.51 -9.69
N ASN A 168 7.37 -12.23 -9.40
CA ASN A 168 6.68 -10.94 -9.70
C ASN A 168 7.04 -9.88 -8.65
N ALA A 169 7.83 -10.24 -7.63
CA ALA A 169 8.41 -9.31 -6.63
C ALA A 169 9.93 -9.46 -6.61
N TRP A 170 10.55 -9.89 -7.71
CA TRP A 170 12.02 -10.09 -7.76
C TRP A 170 12.73 -8.78 -7.36
N PRO A 171 13.54 -8.77 -6.27
CA PRO A 171 14.20 -7.54 -5.84
C PRO A 171 15.45 -7.26 -6.68
N GLU A 172 15.64 -6.00 -7.07
CA GLU A 172 16.73 -5.55 -7.97
C GLU A 172 18.10 -5.87 -7.38
N ASP A 173 18.23 -5.91 -6.05
CA ASP A 173 19.53 -6.08 -5.37
C ASP A 173 19.94 -7.56 -5.37
N LEU A 174 19.02 -8.51 -5.52
CA LEU A 174 19.26 -9.95 -5.27
C LEU A 174 20.15 -10.52 -6.37
N ASP A 175 21.39 -10.89 -6.03
CA ASP A 175 22.35 -11.56 -6.94
C ASP A 175 22.46 -13.02 -6.49
N ILE A 176 21.91 -13.94 -7.29
CA ILE A 176 21.89 -15.40 -6.97
C ILE A 176 23.22 -16.05 -7.37
N THR A 177 24.15 -15.33 -7.99
CA THR A 177 25.45 -15.90 -8.42
C THR A 177 26.11 -16.61 -7.24
N GLY A 178 26.44 -17.90 -7.42
CA GLY A 178 27.22 -18.67 -6.45
C GLY A 178 26.41 -19.07 -5.22
N LYS A 179 25.09 -18.93 -5.27
CA LYS A 179 24.18 -19.34 -4.15
C LYS A 179 23.44 -20.64 -4.48
N ARG A 180 22.99 -21.33 -3.44
CA ARG A 180 22.10 -22.52 -3.53
C ARG A 180 20.67 -22.00 -3.68
N VAL A 181 20.09 -22.21 -4.87
CA VAL A 181 18.76 -21.64 -5.25
C VAL A 181 17.74 -22.78 -5.38
N GLY A 182 16.56 -22.59 -4.80
CA GLY A 182 15.38 -23.43 -5.04
C GLY A 182 14.35 -22.63 -5.81
N VAL A 183 13.63 -23.27 -6.74
CA VAL A 183 12.48 -22.64 -7.45
C VAL A 183 11.29 -23.60 -7.42
N ILE A 184 10.13 -23.10 -7.00
CA ILE A 184 8.84 -23.84 -7.06
C ILE A 184 8.06 -23.32 -8.27
N GLY A 185 7.83 -24.18 -9.27
CA GLY A 185 7.02 -23.86 -10.45
C GLY A 185 7.78 -24.03 -11.74
N THR A 186 7.10 -24.51 -12.79
CA THR A 186 7.67 -24.74 -14.13
C THR A 186 6.65 -24.37 -15.21
N GLY A 187 5.99 -23.22 -15.07
CA GLY A 187 5.27 -22.54 -16.16
C GLY A 187 6.25 -21.72 -16.98
N SER A 188 5.76 -20.72 -17.71
CA SER A 188 6.63 -19.81 -18.54
C SER A 188 7.62 -19.09 -17.63
N THR A 189 7.22 -18.69 -16.42
CA THR A 189 8.13 -17.98 -15.47
C THR A 189 9.24 -18.93 -15.00
N GLY A 190 8.86 -20.02 -14.33
CA GLY A 190 9.82 -20.99 -13.76
C GLY A 190 10.87 -21.41 -14.79
N THR A 191 10.43 -21.78 -16.01
CA THR A 191 11.31 -22.42 -17.02
C THR A 191 12.32 -21.40 -17.54
N GLN A 192 11.89 -20.17 -17.86
CA GLN A 192 12.85 -19.15 -18.39
C GLN A 192 13.82 -18.75 -17.27
N PHE A 193 13.35 -18.72 -16.01
CA PHE A 193 14.20 -18.45 -14.82
C PHE A 193 15.24 -19.57 -14.65
N ILE A 194 14.80 -20.83 -14.76
CA ILE A 194 15.70 -22.01 -14.62
C ILE A 194 16.84 -21.91 -15.64
N VAL A 195 16.56 -21.57 -16.89
CA VAL A 195 17.63 -21.48 -17.93
C VAL A 195 18.68 -20.45 -17.49
N ALA A 196 18.23 -19.26 -17.08
CA ALA A 196 19.14 -18.14 -16.69
C ALA A 196 19.83 -18.46 -15.36
N ALA A 197 19.11 -18.99 -14.38
CA ALA A 197 19.58 -19.18 -12.96
C ALA A 197 20.64 -20.28 -12.90
N ALA A 198 20.54 -21.30 -13.75
CA ALA A 198 21.49 -22.44 -13.81
C ALA A 198 22.91 -21.93 -14.12
N LYS A 199 23.03 -20.85 -14.89
CA LYS A 199 24.34 -20.28 -15.31
C LYS A 199 24.97 -19.46 -14.18
N MET A 200 24.22 -19.19 -13.11
CA MET A 200 24.61 -18.25 -12.02
C MET A 200 24.75 -19.01 -10.69
N ALA A 201 23.75 -19.83 -10.36
CA ALA A 201 23.63 -20.57 -9.07
C ALA A 201 24.79 -21.56 -8.93
N GLU A 202 25.34 -21.67 -7.71
CA GLU A 202 26.18 -22.82 -7.34
C GLU A 202 25.37 -24.10 -7.53
N GLN A 203 24.12 -24.08 -7.07
CA GLN A 203 23.21 -25.25 -7.14
C GLN A 203 21.79 -24.70 -7.34
N LEU A 204 21.06 -25.29 -8.28
CA LEU A 204 19.65 -24.94 -8.54
C LEU A 204 18.82 -26.22 -8.42
N THR A 205 17.96 -26.25 -7.40
CA THR A 205 16.98 -27.34 -7.16
C THR A 205 15.63 -26.88 -7.71
N VAL A 206 15.06 -27.62 -8.67
CA VAL A 206 13.73 -27.33 -9.28
C VAL A 206 12.69 -28.20 -8.58
N PHE A 207 11.71 -27.57 -7.92
CA PHE A 207 10.55 -28.23 -7.26
C PHE A 207 9.37 -28.18 -8.24
N GLN A 208 9.21 -29.26 -9.00
CA GLN A 208 8.28 -29.39 -10.14
C GLN A 208 7.13 -30.32 -9.77
N ARG A 209 5.93 -29.77 -9.61
CA ARG A 209 4.69 -30.57 -9.37
C ARG A 209 4.09 -31.06 -10.70
N THR A 210 4.24 -30.29 -11.77
CA THR A 210 3.53 -30.50 -13.06
C THR A 210 4.45 -30.11 -14.21
N PRO A 211 5.21 -31.04 -14.83
CA PRO A 211 6.05 -30.70 -15.97
C PRO A 211 5.10 -30.31 -17.13
N GLN A 212 5.57 -29.41 -18.00
CA GLN A 212 4.77 -28.89 -19.13
C GLN A 212 5.50 -29.24 -20.43
N TYR A 213 4.80 -29.18 -21.55
CA TYR A 213 5.32 -29.49 -22.90
C TYR A 213 6.06 -28.26 -23.44
N CYS A 214 7.23 -27.92 -22.86
CA CYS A 214 8.11 -26.82 -23.35
CA CYS A 214 8.12 -26.82 -23.36
C CYS A 214 8.63 -27.20 -24.75
N VAL A 215 8.59 -26.24 -25.66
CA VAL A 215 9.11 -26.37 -27.05
C VAL A 215 10.17 -25.29 -27.22
N PRO A 216 11.08 -25.39 -28.20
CA PRO A 216 12.05 -24.33 -28.42
C PRO A 216 11.39 -22.99 -28.80
N SER A 217 11.97 -21.89 -28.30
CA SER A 217 11.63 -20.50 -28.70
C SER A 217 12.33 -20.17 -30.02
N GLY A 218 13.52 -20.75 -30.27
CA GLY A 218 14.44 -20.35 -31.35
C GLY A 218 14.98 -18.93 -31.15
N ASN A 219 15.13 -18.49 -29.89
CA ASN A 219 15.64 -17.14 -29.57
C ASN A 219 17.11 -17.01 -30.00
N GLY A 220 17.56 -15.79 -30.24
CA GLY A 220 18.93 -15.49 -30.68
C GLY A 220 19.02 -14.05 -31.17
N PRO A 221 20.20 -13.62 -31.67
CA PRO A 221 20.36 -12.27 -32.20
C PRO A 221 19.49 -12.07 -33.46
N MET A 222 18.86 -10.90 -33.60
CA MET A 222 18.20 -10.45 -34.86
C MET A 222 19.26 -9.92 -35.82
N ASP A 223 19.31 -10.45 -37.05
CA ASP A 223 19.99 -9.81 -38.21
C ASP A 223 19.34 -8.44 -38.42
N PRO A 224 20.09 -7.32 -38.33
CA PRO A 224 19.51 -6.00 -38.62
C PRO A 224 18.88 -5.89 -40.02
N ASP A 225 19.30 -6.72 -40.99
CA ASP A 225 18.69 -6.74 -42.35
C ASP A 225 17.27 -7.31 -42.24
N GLU A 226 17.09 -8.33 -41.39
CA GLU A 226 15.78 -8.95 -41.08
C GLU A 226 14.86 -7.90 -40.46
N VAL A 227 15.36 -7.09 -39.51
CA VAL A 227 14.54 -6.03 -38.84
C VAL A 227 14.08 -5.03 -39.91
N ALA A 228 15.00 -4.55 -40.75
CA ALA A 228 14.70 -3.64 -41.88
C ALA A 228 13.62 -4.26 -42.78
N ARG A 229 13.74 -5.55 -43.08
CA ARG A 229 12.80 -6.32 -43.94
C ARG A 229 11.42 -6.34 -43.29
N ILE A 230 11.36 -6.64 -41.98
CA ILE A 230 10.08 -6.70 -41.21
C ILE A 230 9.40 -5.32 -41.24
N LYS A 231 10.16 -4.25 -41.01
CA LYS A 231 9.62 -2.86 -40.95
C LYS A 231 9.02 -2.45 -42.28
N GLN A 232 9.58 -2.92 -43.42
CA GLN A 232 9.05 -2.63 -44.78
C GLN A 232 7.71 -3.33 -44.99
N ASN A 233 7.44 -4.37 -44.19
CA ASN A 233 6.28 -5.28 -44.35
C ASN A 233 5.32 -5.11 -43.17
N PHE A 234 5.50 -4.09 -42.32
CA PHE A 234 4.72 -3.98 -41.06
C PHE A 234 3.20 -3.89 -41.38
N ASP A 235 2.78 -3.17 -42.43
CA ASP A 235 1.35 -3.03 -42.78
C ASP A 235 0.72 -4.42 -42.98
N SER A 236 1.35 -5.31 -43.76
CA SER A 236 0.79 -6.67 -44.04
C SER A 236 0.96 -7.58 -42.81
N ILE A 237 2.04 -7.44 -42.05
CA ILE A 237 2.23 -8.22 -40.80
C ILE A 237 1.07 -7.91 -39.82
N TRP A 238 0.81 -6.64 -39.56
CA TRP A 238 -0.24 -6.23 -38.57
C TRP A 238 -1.63 -6.60 -39.08
N ASP A 239 -1.90 -6.52 -40.39
CA ASP A 239 -3.22 -6.91 -40.96
C ASP A 239 -3.43 -8.41 -40.69
N GLN A 240 -2.40 -9.23 -40.85
CA GLN A 240 -2.49 -10.70 -40.61
C GLN A 240 -2.69 -10.94 -39.11
N VAL A 241 -2.01 -10.19 -38.24
CA VAL A 241 -2.15 -10.31 -36.77
C VAL A 241 -3.61 -10.08 -36.36
N ARG A 242 -4.23 -9.00 -36.85
CA ARG A 242 -5.54 -8.50 -36.37
C ARG A 242 -6.70 -9.42 -36.79
N SER A 243 -6.59 -10.15 -37.92
CA SER A 243 -7.65 -11.10 -38.39
C SER A 243 -7.31 -12.55 -37.99
N SER A 244 -6.17 -12.81 -37.34
CA SER A 244 -5.77 -14.15 -36.84
C SER A 244 -6.56 -14.50 -35.57
N THR A 245 -6.33 -15.68 -34.97
CA THR A 245 -6.95 -16.07 -33.67
C THR A 245 -6.00 -15.69 -32.52
N VAL A 246 -4.71 -16.00 -32.60
CA VAL A 246 -3.77 -15.86 -31.45
C VAL A 246 -2.82 -14.66 -31.64
N ALA A 247 -2.70 -14.12 -32.87
CA ALA A 247 -2.04 -12.83 -33.19
C ALA A 247 -0.53 -12.86 -32.86
N PHE A 248 0.14 -14.00 -33.08
CA PHE A 248 1.59 -14.18 -32.79
C PHE A 248 2.46 -13.91 -34.02
N GLY A 249 1.85 -13.49 -35.14
CA GLY A 249 2.55 -13.05 -36.36
C GLY A 249 2.92 -14.20 -37.27
N PHE A 250 2.27 -15.34 -37.17
CA PHE A 250 2.46 -16.48 -38.10
C PHE A 250 1.08 -16.90 -38.62
N GLU A 251 1.05 -17.51 -39.80
CA GLU A 251 -0.17 -18.08 -40.43
C GLU A 251 -0.59 -19.30 -39.62
N GLU A 252 -1.86 -19.36 -39.23
CA GLU A 252 -2.40 -20.47 -38.40
C GLU A 252 -2.82 -21.60 -39.34
N SER A 253 -2.40 -22.83 -39.09
CA SER A 253 -2.76 -24.01 -39.93
C SER A 253 -4.28 -24.12 -40.03
N THR A 254 -4.78 -24.54 -41.20
CA THR A 254 -6.20 -24.89 -41.43
C THR A 254 -6.34 -26.40 -41.66
N VAL A 255 -5.28 -27.18 -41.41
CA VAL A 255 -5.24 -28.65 -41.71
C VAL A 255 -5.49 -29.43 -40.41
N GLU A 256 -6.42 -30.39 -40.43
CA GLU A 256 -6.70 -31.32 -39.31
C GLU A 256 -5.54 -32.33 -39.18
N ALA A 257 -4.97 -32.47 -37.98
CA ALA A 257 -3.74 -33.23 -37.70
C ALA A 257 -3.89 -34.68 -38.20
N MET A 258 -5.07 -35.28 -38.02
CA MET A 258 -5.31 -36.70 -38.31
C MET A 258 -5.80 -36.90 -39.76
N SER A 259 -5.95 -35.83 -40.56
CA SER A 259 -6.33 -35.94 -42.00
C SER A 259 -5.08 -36.20 -42.87
N VAL A 260 -3.88 -36.07 -42.31
CA VAL A 260 -2.61 -36.31 -43.06
C VAL A 260 -1.95 -37.59 -42.53
N SER A 261 -0.88 -38.01 -43.20
CA SER A 261 -0.11 -39.25 -42.89
C SER A 261 0.71 -39.04 -41.61
N GLU A 262 1.16 -40.16 -41.03
CA GLU A 262 2.14 -40.20 -39.92
C GLU A 262 3.34 -39.34 -40.29
N SER A 263 3.88 -39.57 -41.49
CA SER A 263 5.10 -38.91 -42.01
C SER A 263 4.92 -37.39 -42.06
N GLU A 264 3.76 -36.92 -42.52
CA GLU A 264 3.43 -35.48 -42.68
C GLU A 264 3.29 -34.84 -41.28
N ARG A 265 2.69 -35.56 -40.32
CA ARG A 265 2.55 -35.06 -38.92
C ARG A 265 3.94 -34.84 -38.32
N GLN A 266 4.83 -35.83 -38.46
CA GLN A 266 6.24 -35.76 -38.00
C GLN A 266 6.95 -34.58 -38.65
N ARG A 267 6.87 -34.44 -39.97
CA ARG A 267 7.51 -33.34 -40.74
C ARG A 267 7.01 -31.99 -40.25
N VAL A 268 5.69 -31.84 -40.04
CA VAL A 268 5.07 -30.56 -39.62
C VAL A 268 5.48 -30.22 -38.18
N PHE A 269 5.50 -31.22 -37.30
CA PHE A 269 5.90 -31.04 -35.89
C PHE A 269 7.38 -30.66 -35.84
N GLN A 270 8.25 -31.33 -36.61
CA GLN A 270 9.72 -31.09 -36.62
C GLN A 270 10.00 -29.68 -37.14
N GLN A 271 9.25 -29.26 -38.17
CA GLN A 271 9.31 -27.92 -38.79
C GLN A 271 9.03 -26.83 -37.73
N ALA A 272 7.93 -26.96 -36.98
CA ALA A 272 7.55 -26.02 -35.90
C ALA A 272 8.63 -26.05 -34.80
N TRP A 273 9.09 -27.24 -34.43
CA TRP A 273 10.12 -27.46 -33.38
C TRP A 273 11.41 -26.70 -33.75
N ASP A 274 11.88 -26.84 -34.99
CA ASP A 274 13.12 -26.19 -35.47
C ASP A 274 12.90 -24.68 -35.59
N LYS A 275 11.73 -24.23 -36.09
CA LYS A 275 11.44 -22.78 -36.28
C LYS A 275 11.31 -22.13 -34.90
N GLY A 276 10.69 -22.84 -33.94
CA GLY A 276 10.49 -22.38 -32.57
C GLY A 276 9.19 -21.59 -32.39
N ASN A 277 8.81 -21.39 -31.12
CA ASN A 277 7.67 -20.58 -30.60
C ASN A 277 6.57 -21.53 -30.10
N GLY A 278 6.11 -21.30 -28.85
CA GLY A 278 5.10 -22.14 -28.18
C GLY A 278 3.76 -22.11 -28.92
N PHE A 279 3.29 -20.92 -29.29
CA PHE A 279 2.00 -20.75 -30.00
C PHE A 279 2.10 -21.31 -31.43
N ARG A 280 3.24 -21.12 -32.11
CA ARG A 280 3.49 -21.75 -33.44
C ARG A 280 3.28 -23.26 -33.35
N PHE A 281 3.84 -23.93 -32.33
CA PHE A 281 3.68 -25.40 -32.17
C PHE A 281 2.20 -25.76 -31.98
N MET A 282 1.41 -24.98 -31.23
CA MET A 282 0.02 -25.36 -30.89
C MET A 282 -0.92 -25.05 -32.07
N PHE A 283 -0.70 -23.96 -32.80
CA PHE A 283 -1.69 -23.42 -33.78
C PHE A 283 -1.09 -23.26 -35.17
N GLY A 284 0.24 -23.33 -35.30
CA GLY A 284 0.95 -23.19 -36.59
C GLY A 284 1.20 -24.53 -37.27
N THR A 285 0.98 -25.64 -36.56
CA THR A 285 1.16 -27.02 -37.06
C THR A 285 -0.14 -27.51 -37.72
N PHE A 286 -1.17 -27.73 -36.92
CA PHE A 286 -2.51 -28.18 -37.36
C PHE A 286 -3.56 -27.27 -36.73
N CYS A 287 -4.80 -27.33 -37.22
CA CYS A 287 -5.88 -26.40 -36.81
C CYS A 287 -6.56 -26.89 -35.53
N ASP A 288 -6.26 -28.11 -35.07
CA ASP A 288 -7.14 -28.80 -34.08
C ASP A 288 -6.35 -29.42 -32.91
N ILE A 289 -5.13 -28.93 -32.62
CA ILE A 289 -4.27 -29.45 -31.51
C ILE A 289 -5.00 -29.27 -30.17
N ALA A 290 -5.70 -28.15 -30.00
CA ALA A 290 -6.32 -27.71 -28.72
C ALA A 290 -7.79 -28.11 -28.64
N THR A 291 -8.35 -28.75 -29.67
CA THR A 291 -9.79 -29.12 -29.75
C THR A 291 -9.96 -30.64 -29.88
N ASN A 292 -9.13 -31.29 -30.69
CA ASN A 292 -9.27 -32.75 -31.01
C ASN A 292 -8.30 -33.52 -30.12
N PRO A 293 -8.79 -34.38 -29.18
CA PRO A 293 -7.90 -35.07 -28.25
C PRO A 293 -6.96 -36.06 -28.96
N GLU A 294 -7.34 -36.55 -30.15
CA GLU A 294 -6.46 -37.43 -30.96
C GLU A 294 -5.28 -36.60 -31.49
N ALA A 295 -5.56 -35.42 -32.04
CA ALA A 295 -4.55 -34.46 -32.53
C ALA A 295 -3.65 -34.05 -31.36
N ASN A 296 -4.24 -33.77 -30.21
CA ASN A 296 -3.52 -33.36 -28.98
C ASN A 296 -2.48 -34.42 -28.61
N ALA A 297 -2.90 -35.69 -28.59
CA ALA A 297 -2.04 -36.83 -28.23
C ALA A 297 -0.81 -36.87 -29.15
N ALA A 298 -1.02 -36.68 -30.45
CA ALA A 298 0.04 -36.78 -31.47
C ALA A 298 1.06 -35.66 -31.21
N ALA A 299 0.61 -34.43 -30.92
CA ALA A 299 1.48 -33.27 -30.63
C ALA A 299 2.27 -33.53 -29.34
N ALA A 300 1.58 -34.01 -28.29
CA ALA A 300 2.16 -34.34 -26.97
C ALA A 300 3.28 -35.37 -27.15
N ALA A 301 3.01 -36.42 -27.91
CA ALA A 301 3.93 -37.56 -28.11
C ALA A 301 5.22 -37.06 -28.76
N PHE A 302 5.10 -36.20 -29.77
CA PHE A 302 6.28 -35.62 -30.48
C PHE A 302 7.18 -34.91 -29.44
N ILE A 303 6.58 -34.05 -28.60
CA ILE A 303 7.34 -33.29 -27.56
C ILE A 303 8.04 -34.30 -26.63
N ARG A 304 7.37 -35.35 -26.16
CA ARG A 304 7.95 -36.35 -25.23
C ARG A 304 9.18 -36.98 -25.89
N SER A 305 9.05 -37.36 -27.16
CA SER A 305 10.14 -38.00 -27.93
C SER A 305 11.36 -37.06 -27.94
N LYS A 306 11.16 -35.75 -28.04
CA LYS A 306 12.27 -34.76 -28.04
C LYS A 306 12.96 -34.73 -26.66
N ILE A 307 12.20 -34.75 -25.58
CA ILE A 307 12.76 -34.77 -24.18
C ILE A 307 13.68 -35.99 -24.05
N ALA A 308 13.24 -37.16 -24.51
CA ALA A 308 14.01 -38.43 -24.41
C ALA A 308 15.36 -38.27 -25.14
N GLU A 309 15.39 -37.62 -26.31
CA GLU A 309 16.62 -37.36 -27.10
C GLU A 309 17.59 -36.47 -26.31
N ILE A 310 17.06 -35.39 -25.70
CA ILE A 310 17.89 -34.27 -25.17
C ILE A 310 18.43 -34.63 -23.78
N VAL A 311 17.58 -35.15 -22.91
CA VAL A 311 17.92 -35.33 -21.46
C VAL A 311 18.64 -36.67 -21.27
N LYS A 312 19.94 -36.63 -20.93
CA LYS A 312 20.86 -37.79 -20.92
C LYS A 312 20.52 -38.77 -19.78
N ASP A 313 20.24 -38.27 -18.57
CA ASP A 313 19.89 -39.10 -17.39
C ASP A 313 18.44 -39.56 -17.58
N PRO A 314 18.16 -40.87 -17.73
CA PRO A 314 16.81 -41.33 -18.03
C PRO A 314 15.78 -41.00 -16.92
N GLU A 315 16.21 -41.01 -15.64
CA GLU A 315 15.37 -40.66 -14.47
C GLU A 315 14.90 -39.19 -14.58
N THR A 316 15.81 -38.28 -14.92
CA THR A 316 15.53 -36.83 -15.11
C THR A 316 14.53 -36.68 -16.27
N ALA A 317 14.80 -37.38 -17.38
CA ALA A 317 13.97 -37.39 -18.60
C ALA A 317 12.55 -37.84 -18.23
N ARG A 318 12.44 -38.90 -17.43
CA ARG A 318 11.13 -39.42 -16.95
C ARG A 318 10.41 -38.30 -16.19
N LYS A 319 11.09 -37.60 -15.29
CA LYS A 319 10.44 -36.59 -14.42
C LYS A 319 10.06 -35.35 -15.24
N LEU A 320 10.82 -35.03 -16.29
CA LEU A 320 10.57 -33.83 -17.15
C LEU A 320 9.43 -34.09 -18.13
N THR A 321 9.11 -35.36 -18.38
CA THR A 321 8.16 -35.77 -19.45
C THR A 321 6.73 -35.70 -18.92
N PRO A 322 5.90 -34.73 -19.36
CA PRO A 322 4.52 -34.67 -18.92
C PRO A 322 3.72 -35.79 -19.61
N THR A 323 2.67 -36.27 -18.95
CA THR A 323 1.78 -37.32 -19.49
C THR A 323 0.31 -36.84 -19.50
N ASP A 324 0.05 -35.57 -19.20
CA ASP A 324 -1.33 -34.99 -19.18
C ASP A 324 -1.60 -34.28 -20.52
N LEU A 325 -2.78 -33.67 -20.68
CA LEU A 325 -3.17 -32.93 -21.90
C LEU A 325 -2.20 -31.77 -22.17
N TYR A 326 -1.76 -31.64 -23.43
CA TYR A 326 -1.10 -30.43 -23.99
C TYR A 326 -2.19 -29.36 -24.19
N ALA A 327 -2.68 -28.80 -23.07
CA ALA A 327 -3.83 -27.86 -23.06
C ALA A 327 -3.70 -26.86 -21.91
N LYS A 328 -2.46 -26.61 -21.44
CA LYS A 328 -2.09 -25.39 -20.70
C LYS A 328 -1.54 -24.40 -21.73
N ARG A 329 -1.34 -23.14 -21.35
CA ARG A 329 -0.86 -22.11 -22.29
C ARG A 329 0.49 -22.58 -22.82
N PRO A 330 0.69 -22.54 -24.17
CA PRO A 330 1.97 -22.91 -24.76
C PRO A 330 3.12 -22.18 -24.06
N LEU A 331 4.25 -22.86 -23.87
CA LEU A 331 5.46 -22.23 -23.30
C LEU A 331 6.69 -22.66 -24.11
N CYS A 332 7.60 -21.70 -24.29
CA CYS A 332 8.85 -21.91 -25.07
C CYS A 332 10.04 -21.28 -24.35
N ASN A 333 11.20 -21.88 -24.54
CA ASN A 333 12.48 -21.42 -23.95
C ASN A 333 13.60 -21.76 -24.92
N GLU A 334 14.77 -21.15 -24.70
CA GLU A 334 16.03 -21.53 -25.35
C GLU A 334 16.80 -22.42 -24.37
N GLY A 335 16.99 -23.70 -24.73
CA GLY A 335 17.88 -24.64 -24.03
C GLY A 335 17.33 -25.10 -22.69
N TYR A 336 16.00 -25.19 -22.52
CA TYR A 336 15.37 -25.58 -21.22
C TYR A 336 15.74 -27.01 -20.82
N TYR A 337 15.41 -28.01 -21.65
CA TYR A 337 15.70 -29.44 -21.34
C TYR A 337 17.22 -29.68 -21.22
N GLU A 338 18.03 -29.00 -22.04
CA GLU A 338 19.52 -29.09 -22.04
C GLU A 338 20.09 -28.62 -20.69
N THR A 339 19.46 -27.63 -20.04
CA THR A 339 19.86 -27.13 -18.71
C THR A 339 20.00 -28.31 -17.73
N TYR A 340 19.15 -29.33 -17.85
CA TYR A 340 19.08 -30.45 -16.88
C TYR A 340 20.25 -31.42 -17.08
N ASN A 341 21.07 -31.24 -18.13
CA ASN A 341 22.32 -32.01 -18.36
C ASN A 341 23.48 -31.40 -17.57
N ARG A 342 23.32 -30.19 -17.02
CA ARG A 342 24.35 -29.50 -16.21
C ARG A 342 24.48 -30.22 -14.86
N ASP A 343 25.67 -30.16 -14.24
CA ASP A 343 26.00 -30.85 -12.97
C ASP A 343 25.42 -30.11 -11.76
N ASN A 344 24.96 -28.86 -11.91
CA ASN A 344 24.54 -28.01 -10.76
C ASN A 344 23.01 -27.84 -10.72
N VAL A 345 22.27 -28.67 -11.49
CA VAL A 345 20.79 -28.61 -11.56
C VAL A 345 20.23 -29.95 -11.09
N SER A 346 19.33 -29.94 -10.11
CA SER A 346 18.61 -31.15 -9.63
C SER A 346 17.11 -30.92 -9.82
N LEU A 347 16.37 -31.98 -10.18
CA LEU A 347 14.91 -31.94 -10.43
C LEU A 347 14.22 -32.82 -9.39
N VAL A 348 13.37 -32.20 -8.56
CA VAL A 348 12.51 -32.90 -7.57
C VAL A 348 11.09 -32.93 -8.13
N SER A 349 10.54 -34.12 -8.32
CA SER A 349 9.13 -34.33 -8.75
C SER A 349 8.22 -34.26 -7.52
N LEU A 350 7.44 -33.18 -7.37
CA LEU A 350 6.50 -33.02 -6.23
C LEU A 350 5.30 -33.96 -6.40
N LYS A 351 5.11 -34.55 -7.59
CA LYS A 351 4.15 -35.68 -7.80
C LYS A 351 4.56 -36.84 -6.89
N GLU A 352 5.86 -37.10 -6.77
CA GLU A 352 6.41 -38.28 -6.07
C GLU A 352 6.87 -37.91 -4.67
N THR A 353 7.56 -36.77 -4.49
CA THR A 353 8.08 -36.31 -3.18
C THR A 353 7.63 -34.88 -2.94
N PRO A 354 6.33 -34.64 -2.66
CA PRO A 354 5.82 -33.29 -2.42
C PRO A 354 6.53 -32.56 -1.26
N ILE A 355 6.44 -31.24 -1.27
CA ILE A 355 6.94 -30.34 -0.19
C ILE A 355 6.07 -30.56 1.05
N GLU A 356 6.67 -30.99 2.16
CA GLU A 356 5.96 -31.18 3.46
C GLU A 356 6.12 -29.92 4.31
N GLU A 357 7.26 -29.23 4.26
CA GLU A 357 7.49 -28.04 5.13
C GLU A 357 8.65 -27.20 4.59
N ILE A 358 8.53 -25.89 4.71
CA ILE A 358 9.66 -24.94 4.51
C ILE A 358 10.28 -24.71 5.89
N VAL A 359 11.60 -24.87 6.01
CA VAL A 359 12.35 -24.76 7.29
C VAL A 359 13.39 -23.65 7.11
N PRO A 360 13.98 -23.13 8.22
CA PRO A 360 14.94 -22.03 8.13
C PRO A 360 16.05 -22.24 7.08
N GLN A 361 16.51 -23.47 6.88
CA GLN A 361 17.69 -23.80 6.04
C GLN A 361 17.25 -24.24 4.62
N GLY A 362 15.95 -24.45 4.37
CA GLY A 362 15.47 -24.80 3.02
C GLY A 362 14.10 -25.47 2.99
N VAL A 363 13.99 -26.60 2.30
CA VAL A 363 12.70 -27.28 1.97
C VAL A 363 12.82 -28.77 2.31
N ARG A 364 11.84 -29.32 3.03
CA ARG A 364 11.80 -30.78 3.33
C ARG A 364 10.68 -31.40 2.49
N THR A 365 11.05 -32.34 1.62
CA THR A 365 10.11 -33.15 0.81
C THR A 365 9.68 -34.39 1.61
N SER A 366 8.68 -35.12 1.13
CA SER A 366 8.02 -36.26 1.83
C SER A 366 8.94 -37.48 1.91
N ASP A 367 10.08 -37.46 1.21
CA ASP A 367 11.15 -38.49 1.32
C ASP A 367 12.08 -38.18 2.49
N GLY A 368 11.81 -37.10 3.24
CA GLY A 368 12.58 -36.68 4.41
C GLY A 368 13.84 -35.91 4.03
N VAL A 369 14.05 -35.64 2.74
CA VAL A 369 15.27 -34.90 2.27
C VAL A 369 15.06 -33.41 2.59
N VAL A 370 15.99 -32.84 3.35
CA VAL A 370 16.10 -31.37 3.56
C VAL A 370 16.99 -30.84 2.44
N HIS A 371 16.40 -30.10 1.50
CA HIS A 371 17.10 -29.37 0.41
C HIS A 371 17.59 -28.05 0.99
N GLU A 372 18.91 -27.86 1.07
CA GLU A 372 19.54 -26.68 1.74
C GLU A 372 19.65 -25.54 0.73
N LEU A 373 19.06 -24.40 1.02
CA LEU A 373 18.98 -23.27 0.06
C LEU A 373 19.37 -21.99 0.77
N ASP A 374 19.96 -21.06 0.04
CA ASP A 374 20.16 -19.64 0.44
C ASP A 374 18.96 -18.82 -0.06
N VAL A 375 18.37 -19.21 -1.20
CA VAL A 375 17.32 -18.46 -1.94
C VAL A 375 16.20 -19.42 -2.35
N LEU A 376 14.96 -19.05 -2.05
CA LEU A 376 13.75 -19.84 -2.42
C LEU A 376 12.88 -18.94 -3.29
N VAL A 377 12.69 -19.33 -4.54
CA VAL A 377 11.97 -18.53 -5.57
C VAL A 377 10.61 -19.18 -5.78
N PHE A 378 9.54 -18.42 -5.56
CA PHE A 378 8.15 -18.86 -5.86
C PHE A 378 7.81 -18.42 -7.28
N ALA A 379 7.89 -19.35 -8.24
CA ALA A 379 7.44 -19.15 -9.64
C ALA A 379 6.03 -19.74 -9.76
N THR A 380 5.15 -19.34 -8.85
CA THR A 380 3.86 -20.03 -8.55
C THR A 380 2.70 -19.28 -9.21
N GLY A 381 3.01 -18.29 -10.07
CA GLY A 381 2.02 -17.67 -10.97
C GLY A 381 1.16 -16.66 -10.25
N PHE A 382 -0.10 -16.54 -10.70
CA PHE A 382 -0.97 -15.37 -10.42
C PHE A 382 -2.41 -15.81 -10.11
N ASP A 383 -3.06 -15.06 -9.22
CA ASP A 383 -4.54 -15.01 -9.08
C ASP A 383 -5.07 -14.31 -10.34
N ALA A 384 -5.19 -15.07 -11.43
CA ALA A 384 -5.28 -14.55 -12.81
C ALA A 384 -6.66 -13.95 -13.09
N VAL A 385 -6.67 -12.97 -13.99
CA VAL A 385 -7.89 -12.28 -14.53
C VAL A 385 -8.52 -11.38 -13.46
N ASP A 386 -9.07 -11.98 -12.39
CA ASP A 386 -9.97 -11.30 -11.41
C ASP A 386 -9.22 -10.83 -10.16
N GLY A 387 -7.98 -11.27 -9.93
CA GLY A 387 -7.26 -11.05 -8.67
C GLY A 387 -7.31 -9.62 -8.15
N ASN A 388 -6.97 -8.64 -8.99
CA ASN A 388 -6.80 -7.23 -8.56
C ASN A 388 -8.17 -6.54 -8.49
N TYR A 389 -9.18 -7.10 -9.15
CA TYR A 389 -10.59 -6.61 -9.07
C TYR A 389 -11.17 -6.97 -7.71
N ARG A 390 -11.05 -8.23 -7.32
CA ARG A 390 -11.67 -8.79 -6.09
C ARG A 390 -11.01 -8.16 -4.86
N ALA A 391 -9.72 -7.79 -4.94
CA ALA A 391 -8.95 -7.18 -3.82
C ALA A 391 -9.34 -5.71 -3.66
N MET A 392 -9.93 -5.08 -4.68
CA MET A 392 -10.38 -3.67 -4.62
C MET A 392 -11.74 -3.58 -3.94
N ASN A 393 -11.96 -2.53 -3.15
CA ASN A 393 -13.32 -2.13 -2.72
C ASN A 393 -14.01 -1.41 -3.89
N LEU A 394 -14.47 -2.21 -4.85
CA LEU A 394 -15.05 -1.80 -6.16
C LEU A 394 -16.56 -2.04 -6.09
N ARG A 395 -17.36 -0.98 -6.14
CA ARG A 395 -18.83 -1.10 -5.91
C ARG A 395 -19.58 -0.37 -7.02
N GLY A 396 -20.67 -0.97 -7.49
CA GLY A 396 -21.52 -0.45 -8.57
C GLY A 396 -22.86 0.03 -8.04
N ARG A 397 -23.87 -0.04 -8.89
CA ARG A 397 -25.27 0.32 -8.54
C ARG A 397 -25.71 -0.52 -7.33
N ASP A 398 -26.61 0.06 -6.53
CA ASP A 398 -27.20 -0.54 -5.31
C ASP A 398 -26.11 -0.85 -4.29
N GLY A 399 -24.94 -0.20 -4.39
CA GLY A 399 -23.83 -0.35 -3.43
C GLY A 399 -23.18 -1.73 -3.49
N ARG A 400 -23.42 -2.51 -4.54
CA ARG A 400 -22.97 -3.92 -4.62
C ARG A 400 -21.48 -3.99 -4.98
N HIS A 401 -20.69 -4.68 -4.15
CA HIS A 401 -19.27 -5.05 -4.41
C HIS A 401 -19.19 -5.96 -5.66
N ILE A 402 -18.14 -5.80 -6.46
CA ILE A 402 -17.90 -6.64 -7.68
C ILE A 402 -17.99 -8.14 -7.31
N ASN A 403 -17.53 -8.53 -6.11
CA ASN A 403 -17.59 -9.94 -5.64
C ASN A 403 -19.04 -10.46 -5.70
N GLU A 404 -20.03 -9.65 -5.33
CA GLU A 404 -21.45 -10.09 -5.25
C GLU A 404 -21.95 -10.46 -6.65
N HIS A 405 -21.35 -9.89 -7.70
CA HIS A 405 -21.66 -10.19 -9.13
C HIS A 405 -20.95 -11.46 -9.61
N TRP A 406 -19.91 -11.92 -8.91
CA TRP A 406 -18.92 -12.88 -9.45
C TRP A 406 -18.89 -14.19 -8.64
N THR A 407 -20.00 -14.59 -8.03
CA THR A 407 -20.08 -15.78 -7.12
C THR A 407 -19.91 -17.08 -7.92
N GLU A 408 -20.23 -17.09 -9.22
CA GLU A 408 -20.03 -18.28 -10.10
C GLU A 408 -18.89 -18.01 -11.09
N GLY A 409 -17.98 -17.09 -10.75
CA GLY A 409 -16.83 -16.74 -11.60
C GLY A 409 -16.91 -15.31 -12.11
N PRO A 410 -15.78 -14.72 -12.55
CA PRO A 410 -15.78 -13.34 -13.03
C PRO A 410 -16.51 -13.21 -14.38
N THR A 411 -17.21 -12.11 -14.58
CA THR A 411 -18.09 -11.87 -15.75
C THR A 411 -17.80 -10.50 -16.35
N SER A 412 -18.21 -10.31 -17.59
CA SER A 412 -18.10 -9.03 -18.34
C SER A 412 -19.14 -9.02 -19.46
N TYR A 413 -19.32 -7.86 -20.10
CA TYR A 413 -19.88 -7.76 -21.47
C TYR A 413 -18.73 -7.36 -22.39
N LEU A 414 -18.37 -8.28 -23.28
CA LEU A 414 -17.34 -8.10 -24.35
C LEU A 414 -15.93 -8.00 -23.75
N GLY A 415 -15.76 -8.32 -22.47
CA GLY A 415 -14.44 -8.28 -21.81
C GLY A 415 -14.03 -6.88 -21.38
N VAL A 416 -14.85 -5.85 -21.64
CA VAL A 416 -14.47 -4.42 -21.47
C VAL A 416 -15.48 -3.63 -20.63
N THR A 417 -16.64 -4.22 -20.30
CA THR A 417 -17.72 -3.56 -19.51
C THR A 417 -18.32 -4.58 -18.57
N LYS A 418 -19.07 -4.08 -17.58
CA LYS A 418 -19.67 -4.88 -16.50
C LYS A 418 -21.05 -4.31 -16.19
N ALA A 419 -22.07 -5.17 -16.19
CA ALA A 419 -23.45 -4.81 -15.79
C ALA A 419 -23.42 -4.36 -14.33
N GLY A 420 -24.09 -3.26 -14.01
CA GLY A 420 -24.17 -2.66 -12.67
C GLY A 420 -23.09 -1.62 -12.44
N PHE A 421 -22.15 -1.47 -13.38
CA PHE A 421 -20.94 -0.61 -13.24
C PHE A 421 -20.91 0.37 -14.40
N PRO A 422 -21.76 1.43 -14.38
CA PRO A 422 -21.85 2.36 -15.50
C PRO A 422 -20.53 3.13 -15.65
N ASN A 423 -20.16 3.48 -16.89
CA ASN A 423 -19.00 4.34 -17.22
C ASN A 423 -17.68 3.71 -16.73
N MET A 424 -17.70 2.40 -16.44
CA MET A 424 -16.49 1.65 -16.04
C MET A 424 -16.10 0.76 -17.21
N PHE A 425 -14.82 0.79 -17.59
CA PHE A 425 -14.28 -0.05 -18.69
C PHE A 425 -13.09 -0.81 -18.12
N MET A 426 -12.90 -2.02 -18.62
CA MET A 426 -11.79 -2.92 -18.23
C MET A 426 -10.94 -3.17 -19.47
N ILE A 427 -9.62 -2.95 -19.36
CA ILE A 427 -8.60 -3.47 -20.31
C ILE A 427 -8.21 -4.88 -19.84
N LEU A 428 -8.53 -5.88 -20.66
CA LEU A 428 -8.30 -7.32 -20.40
C LEU A 428 -9.05 -7.71 -19.10
N GLY A 429 -10.31 -7.29 -19.03
CA GLY A 429 -11.25 -7.79 -18.02
C GLY A 429 -11.57 -9.26 -18.30
N PRO A 430 -12.41 -9.89 -17.46
CA PRO A 430 -12.84 -11.26 -17.69
C PRO A 430 -13.55 -11.43 -19.04
N ASN A 431 -13.42 -12.63 -19.62
CA ASN A 431 -14.18 -13.08 -20.81
C ASN A 431 -13.80 -12.18 -22.00
N GLY A 432 -12.52 -11.88 -22.13
CA GLY A 432 -11.95 -11.26 -23.34
C GLY A 432 -11.00 -12.22 -24.03
N PRO A 433 -10.26 -11.75 -25.06
CA PRO A 433 -9.44 -12.63 -25.91
C PRO A 433 -8.19 -13.19 -25.20
N PHE A 434 -7.71 -14.30 -25.75
CA PHE A 434 -6.57 -15.11 -25.27
C PHE A 434 -5.54 -15.10 -26.39
N THR A 435 -4.68 -14.08 -26.42
CA THR A 435 -3.82 -13.79 -27.59
C THR A 435 -2.50 -13.18 -27.13
N ASN A 436 -1.57 -13.06 -28.07
CA ASN A 436 -0.50 -12.02 -28.01
C ASN A 436 -1.16 -10.73 -27.51
N THR A 437 -0.71 -10.22 -26.36
CA THR A 437 -1.45 -9.21 -25.56
C THR A 437 -1.64 -7.90 -26.34
N PRO A 438 -0.57 -7.26 -26.86
CA PRO A 438 -0.68 -5.88 -27.34
C PRO A 438 -1.77 -5.62 -28.37
N PRO A 439 -1.96 -6.44 -29.42
CA PRO A 439 -3.03 -6.18 -30.38
C PRO A 439 -4.45 -6.32 -29.79
N SER A 440 -4.64 -7.19 -28.80
CA SER A 440 -5.92 -7.29 -28.06
C SER A 440 -6.10 -6.02 -27.21
N ILE A 441 -5.03 -5.54 -26.59
CA ILE A 441 -5.13 -4.29 -25.79
C ILE A 441 -5.56 -3.17 -26.72
N GLU A 442 -4.95 -3.07 -27.91
CA GLU A 442 -5.22 -1.96 -28.84
C GLU A 442 -6.70 -1.99 -29.26
N ALA A 443 -7.21 -3.17 -29.63
CA ALA A 443 -8.64 -3.34 -30.04
C ALA A 443 -9.56 -2.79 -28.93
N GLN A 444 -9.26 -3.07 -27.66
CA GLN A 444 -10.11 -2.68 -26.50
C GLN A 444 -9.98 -1.19 -26.21
N VAL A 445 -8.74 -0.67 -26.14
CA VAL A 445 -8.47 0.77 -25.84
C VAL A 445 -9.18 1.61 -26.90
N GLU A 446 -9.04 1.24 -28.17
CA GLU A 446 -9.65 2.01 -29.30
C GLU A 446 -11.18 1.96 -29.20
N TRP A 447 -11.76 0.80 -28.92
CA TRP A 447 -13.24 0.65 -28.77
C TRP A 447 -13.73 1.50 -27.58
N ILE A 448 -13.00 1.46 -26.48
CA ILE A 448 -13.37 2.20 -25.24
C ILE A 448 -13.26 3.71 -25.51
N SER A 449 -12.16 4.15 -26.13
CA SER A 449 -11.96 5.56 -26.54
C SER A 449 -13.14 6.00 -27.43
N ASP A 450 -13.55 5.18 -28.39
CA ASP A 450 -14.64 5.53 -29.34
C ASP A 450 -15.94 5.76 -28.56
N LEU A 451 -16.23 4.96 -27.54
CA LEU A 451 -17.52 5.05 -26.82
C LEU A 451 -17.48 6.22 -25.84
N ILE A 452 -16.34 6.47 -25.17
CA ILE A 452 -16.15 7.66 -24.30
C ILE A 452 -16.29 8.91 -25.18
N ASP A 453 -15.72 8.88 -26.37
CA ASP A 453 -15.76 10.04 -27.31
C ASP A 453 -17.22 10.28 -27.75
N LYS A 454 -17.96 9.22 -28.05
CA LYS A 454 -19.40 9.28 -28.39
C LYS A 454 -20.15 9.90 -27.20
N ALA A 455 -19.90 9.39 -25.99
CA ALA A 455 -20.52 9.86 -24.73
C ALA A 455 -20.23 11.34 -24.52
N THR A 456 -18.98 11.78 -24.72
CA THR A 456 -18.62 13.21 -24.60
C THR A 456 -19.40 14.00 -25.66
N ARG A 457 -19.29 13.65 -26.94
CA ARG A 457 -19.91 14.38 -28.08
C ARG A 457 -21.42 14.56 -27.87
N GLU A 458 -22.13 13.54 -27.40
CA GLU A 458 -23.61 13.49 -27.38
C GLU A 458 -24.16 13.97 -26.03
N GLY A 459 -23.28 14.22 -25.05
CA GLY A 459 -23.63 14.58 -23.66
C GLY A 459 -24.27 13.43 -22.90
N LEU A 460 -23.82 12.20 -23.09
CA LEU A 460 -24.34 11.03 -22.31
C LEU A 460 -23.79 11.13 -20.89
N THR A 461 -24.65 10.90 -19.89
CA THR A 461 -24.33 10.90 -18.45
C THR A 461 -23.81 9.50 -18.06
N THR A 462 -24.45 8.43 -18.53
CA THR A 462 -24.03 7.04 -18.24
C THR A 462 -24.14 6.17 -19.49
N VAL A 463 -23.20 5.23 -19.61
CA VAL A 463 -23.27 4.06 -20.53
C VAL A 463 -23.09 2.81 -19.68
N GLU A 464 -23.88 1.77 -19.93
CA GLU A 464 -23.75 0.51 -19.15
C GLU A 464 -24.34 -0.64 -19.94
N PRO A 465 -23.72 -1.83 -19.83
CA PRO A 465 -24.31 -3.06 -20.35
C PRO A 465 -25.46 -3.50 -19.44
N THR A 466 -26.43 -4.21 -20.02
CA THR A 466 -27.54 -4.82 -19.25
C THR A 466 -27.06 -6.14 -18.66
N ALA A 467 -27.73 -6.59 -17.59
CA ALA A 467 -27.56 -7.93 -16.99
C ALA A 467 -27.72 -9.00 -18.07
N ASP A 468 -28.77 -8.87 -18.90
CA ASP A 468 -29.11 -9.86 -19.96
C ASP A 468 -27.97 -9.94 -21.00
N ALA A 469 -27.44 -8.81 -21.45
CA ALA A 469 -26.33 -8.78 -22.44
C ALA A 469 -25.10 -9.48 -21.83
N GLU A 470 -24.80 -9.21 -20.56
CA GLU A 470 -23.65 -9.84 -19.86
C GLU A 470 -23.87 -11.37 -19.75
N ARG A 471 -25.06 -11.79 -19.36
CA ARG A 471 -25.40 -13.23 -19.23
C ARG A 471 -25.18 -13.91 -20.59
N GLU A 472 -25.62 -13.29 -21.69
CA GLU A 472 -25.49 -13.85 -23.05
C GLU A 472 -24.00 -13.98 -23.44
N TRP A 473 -23.19 -13.02 -23.02
CA TRP A 473 -21.73 -13.04 -23.29
C TRP A 473 -21.07 -14.18 -22.51
N THR A 474 -21.51 -14.45 -21.27
CA THR A 474 -21.02 -15.60 -20.45
C THR A 474 -21.30 -16.88 -21.26
N GLU A 475 -22.54 -17.06 -21.72
CA GLU A 475 -22.99 -18.26 -22.46
C GLU A 475 -22.18 -18.44 -23.76
N THR A 476 -21.95 -17.37 -24.52
CA THR A 476 -21.11 -17.36 -25.76
C THR A 476 -19.71 -17.88 -25.41
N CYS A 477 -19.12 -17.35 -24.34
CA CYS A 477 -17.76 -17.72 -23.89
C CYS A 477 -17.74 -19.19 -23.44
N ALA A 478 -18.78 -19.64 -22.73
CA ALA A 478 -18.93 -21.05 -22.27
C ALA A 478 -19.01 -21.98 -23.49
N GLU A 479 -19.86 -21.68 -24.47
CA GLU A 479 -20.06 -22.52 -25.69
C GLU A 479 -18.72 -22.72 -26.41
N ILE A 480 -17.96 -21.64 -26.61
CA ILE A 480 -16.64 -21.63 -27.32
C ILE A 480 -15.63 -22.41 -26.47
N ALA A 481 -15.56 -22.14 -25.16
CA ALA A 481 -14.60 -22.77 -24.22
C ALA A 481 -14.78 -24.29 -24.23
N ASN A 482 -16.04 -24.75 -24.26
CA ASN A 482 -16.41 -26.17 -24.04
C ASN A 482 -16.18 -27.00 -25.31
N MET A 483 -15.87 -26.39 -26.45
CA MET A 483 -15.43 -27.08 -27.70
C MET A 483 -13.91 -27.26 -27.71
N THR A 484 -13.18 -26.79 -26.68
CA THR A 484 -11.70 -26.90 -26.59
C THR A 484 -11.33 -27.86 -25.46
N LEU A 485 -10.05 -28.27 -25.40
CA LEU A 485 -9.48 -29.14 -24.34
C LEU A 485 -9.04 -28.29 -23.13
N PHE A 486 -8.98 -26.97 -23.29
CA PHE A 486 -8.44 -26.03 -22.28
C PHE A 486 -9.14 -26.26 -20.93
N PRO A 487 -10.48 -26.35 -20.84
CA PRO A 487 -11.14 -26.50 -19.54
C PRO A 487 -10.80 -27.82 -18.83
N LYS A 488 -10.34 -28.84 -19.57
CA LYS A 488 -10.10 -30.21 -19.04
C LYS A 488 -8.73 -30.26 -18.37
N ALA A 489 -7.85 -29.29 -18.63
CA ALA A 489 -6.50 -29.19 -18.03
C ALA A 489 -6.53 -28.12 -16.94
N ASP A 490 -6.13 -28.48 -15.71
CA ASP A 490 -6.16 -27.59 -14.53
C ASP A 490 -5.00 -26.60 -14.64
N SER A 491 -5.33 -25.34 -14.91
CA SER A 491 -4.36 -24.25 -15.10
CA SER A 491 -4.36 -24.24 -15.10
C SER A 491 -4.96 -22.95 -14.57
N TRP A 492 -4.17 -21.89 -14.54
CA TRP A 492 -4.64 -20.53 -14.13
C TRP A 492 -5.77 -20.06 -15.05
N ILE A 493 -5.84 -20.56 -16.30
CA ILE A 493 -6.77 -20.04 -17.35
C ILE A 493 -8.23 -20.20 -16.88
N PHE A 494 -8.57 -21.27 -16.15
CA PHE A 494 -9.93 -21.53 -15.63
C PHE A 494 -9.96 -21.41 -14.10
N GLY A 495 -8.95 -20.78 -13.50
CA GLY A 495 -8.90 -20.52 -12.05
C GLY A 495 -8.59 -21.75 -11.21
N ALA A 496 -8.06 -22.82 -11.81
CA ALA A 496 -7.87 -24.11 -11.10
C ALA A 496 -6.49 -24.15 -10.40
N ASN A 497 -5.69 -23.08 -10.47
CA ASN A 497 -4.31 -23.04 -9.91
C ASN A 497 -4.34 -22.65 -8.43
N ILE A 498 -5.45 -22.13 -7.90
CA ILE A 498 -5.51 -21.62 -6.50
C ILE A 498 -6.59 -22.38 -5.72
N PRO A 499 -6.22 -23.04 -4.59
CA PRO A 499 -7.22 -23.69 -3.72
C PRO A 499 -8.37 -22.74 -3.37
N GLY A 500 -9.61 -23.20 -3.62
CA GLY A 500 -10.84 -22.50 -3.21
C GLY A 500 -11.36 -21.58 -4.31
N LYS A 501 -10.54 -21.24 -5.32
CA LYS A 501 -10.96 -20.38 -6.45
C LYS A 501 -11.95 -21.14 -7.34
N ARG A 502 -13.02 -20.47 -7.77
CA ARG A 502 -14.04 -21.06 -8.68
C ARG A 502 -13.37 -21.47 -9.99
N HIS A 503 -13.63 -22.71 -10.41
CA HIS A 503 -13.34 -23.23 -11.77
C HIS A 503 -14.43 -22.68 -12.69
N ALA A 504 -14.07 -21.80 -13.63
CA ALA A 504 -15.01 -21.10 -14.53
C ALA A 504 -14.27 -20.60 -15.78
N VAL A 505 -14.99 -20.44 -16.89
CA VAL A 505 -14.52 -19.71 -18.10
C VAL A 505 -14.16 -18.28 -17.68
N MET A 506 -12.98 -17.79 -18.09
CA MET A 506 -12.50 -16.41 -17.78
C MET A 506 -11.97 -15.75 -19.06
N PHE A 507 -12.12 -16.42 -20.20
CA PHE A 507 -11.69 -15.94 -21.53
C PHE A 507 -12.74 -16.25 -22.58
N TYR A 508 -12.85 -15.35 -23.55
CA TYR A 508 -13.40 -15.58 -24.90
C TYR A 508 -12.29 -16.24 -25.74
N LEU A 509 -12.46 -17.52 -26.10
CA LEU A 509 -11.43 -18.31 -26.84
C LEU A 509 -11.73 -18.36 -28.34
N GLY A 510 -12.47 -17.38 -28.87
CA GLY A 510 -12.83 -17.30 -30.30
C GLY A 510 -11.72 -16.71 -31.16
N GLY A 511 -10.74 -16.05 -30.54
CA GLY A 511 -9.56 -15.48 -31.22
C GLY A 511 -9.74 -14.00 -31.54
N LEU A 512 -8.65 -13.29 -31.87
CA LEU A 512 -8.64 -11.80 -31.98
C LEU A 512 -9.56 -11.36 -33.14
N GLY A 513 -9.51 -12.06 -34.27
CA GLY A 513 -10.35 -11.75 -35.44
C GLY A 513 -11.82 -11.74 -35.10
N ASN A 514 -12.33 -12.81 -34.49
CA ASN A 514 -13.77 -12.94 -34.15
C ASN A 514 -14.10 -11.97 -33.01
N TYR A 515 -13.19 -11.76 -32.05
CA TYR A 515 -13.40 -10.81 -30.92
C TYR A 515 -13.60 -9.41 -31.49
N ARG A 516 -12.71 -9.00 -32.39
CA ARG A 516 -12.75 -7.66 -33.06
C ARG A 516 -14.08 -7.50 -33.83
N ARG A 517 -14.53 -8.56 -34.51
CA ARG A 517 -15.84 -8.59 -35.24
C ARG A 517 -16.98 -8.33 -34.24
N GLN A 518 -16.95 -8.96 -33.06
CA GLN A 518 -18.00 -8.79 -32.01
C GLN A 518 -18.03 -7.34 -31.54
N LEU A 519 -16.85 -6.76 -31.27
CA LEU A 519 -16.73 -5.33 -30.84
C LEU A 519 -17.32 -4.43 -31.94
N ALA A 520 -16.92 -4.65 -33.20
CA ALA A 520 -17.37 -3.84 -34.35
C ALA A 520 -18.88 -3.96 -34.52
N ASP A 521 -19.42 -5.19 -34.55
CA ASP A 521 -20.88 -5.45 -34.73
C ASP A 521 -21.68 -4.71 -33.65
N VAL A 522 -21.21 -4.71 -32.41
CA VAL A 522 -21.92 -4.05 -31.28
C VAL A 522 -21.94 -2.54 -31.53
N ALA A 523 -20.77 -1.96 -31.77
CA ALA A 523 -20.59 -0.49 -31.96
C ALA A 523 -21.42 -0.04 -33.17
N ASP A 524 -21.24 -0.69 -34.33
CA ASP A 524 -21.89 -0.28 -35.60
C ASP A 524 -23.41 -0.50 -35.49
N GLY A 525 -23.83 -1.44 -34.65
CA GLY A 525 -25.25 -1.76 -34.42
C GLY A 525 -25.89 -0.94 -33.32
N GLY A 526 -25.35 0.26 -33.00
CA GLY A 526 -25.94 1.19 -32.00
C GLY A 526 -25.68 0.76 -30.57
N TYR A 527 -24.57 0.06 -30.33
CA TYR A 527 -24.12 -0.42 -28.99
C TYR A 527 -25.19 -1.33 -28.41
N ARG A 528 -25.50 -2.39 -29.19
CA ARG A 528 -26.43 -3.48 -28.80
C ARG A 528 -26.01 -3.99 -27.43
N GLY A 529 -26.97 -4.08 -26.50
CA GLY A 529 -26.75 -4.59 -25.14
C GLY A 529 -26.38 -3.49 -24.16
N PHE A 530 -26.20 -2.25 -24.63
CA PHE A 530 -25.95 -1.04 -23.78
C PHE A 530 -27.22 -0.21 -23.61
N GLN A 531 -27.40 0.34 -22.41
CA GLN A 531 -28.33 1.46 -22.13
C GLN A 531 -27.49 2.75 -22.08
N LEU A 532 -27.68 3.61 -23.08
CA LEU A 532 -27.02 4.92 -23.23
C LEU A 532 -28.00 5.99 -22.76
N ARG A 533 -27.62 6.79 -21.76
CA ARG A 533 -28.54 7.76 -21.09
C ARG A 533 -27.97 9.18 -21.10
N GLY A 534 -28.79 10.13 -21.58
CA GLY A 534 -28.65 11.58 -21.40
C GLY A 534 -29.99 12.20 -21.04
N THR B 6 29.32 0.78 -0.69
CA THR B 6 28.69 2.05 -1.18
C THR B 6 27.17 1.90 -1.15
N PRO B 7 26.46 2.64 -0.27
CA PRO B 7 25.00 2.61 -0.28
C PRO B 7 24.45 3.44 -1.45
N ASP B 8 23.22 3.15 -1.90
CA ASP B 8 22.48 4.00 -2.86
C ASP B 8 22.34 5.40 -2.26
N LEU B 9 22.11 5.50 -0.95
CA LEU B 9 21.92 6.80 -0.25
C LEU B 9 22.70 6.76 1.07
N ASP B 10 23.18 7.91 1.54
CA ASP B 10 23.74 8.05 2.92
C ASP B 10 22.62 7.69 3.92
N ALA B 11 21.41 8.24 3.73
CA ALA B 11 20.31 8.11 4.71
C ALA B 11 18.98 7.96 3.98
N ILE B 12 18.10 7.12 4.54
CA ILE B 12 16.65 7.06 4.21
C ILE B 12 15.88 7.49 5.47
N VAL B 13 14.96 8.45 5.32
CA VAL B 13 14.05 8.91 6.40
C VAL B 13 12.65 8.42 6.02
N ILE B 14 11.92 7.83 6.97
CA ILE B 14 10.51 7.37 6.73
C ILE B 14 9.56 8.30 7.49
N GLY B 15 8.60 8.90 6.78
CA GLY B 15 7.64 9.88 7.35
C GLY B 15 7.98 11.31 6.93
N ALA B 16 6.96 12.07 6.52
CA ALA B 16 7.07 13.50 6.16
C ALA B 16 6.14 14.33 7.02
N GLY B 17 6.02 13.98 8.31
CA GLY B 17 5.43 14.88 9.32
C GLY B 17 6.48 15.84 9.85
N PHE B 18 6.18 16.50 10.97
CA PHE B 18 7.12 17.38 11.71
C PHE B 18 8.49 16.71 11.79
N GLY B 19 8.53 15.42 12.12
CA GLY B 19 9.77 14.66 12.37
C GLY B 19 10.61 14.52 11.12
N GLY B 20 10.04 13.91 10.08
CA GLY B 20 10.75 13.60 8.82
C GLY B 20 11.22 14.85 8.12
N ILE B 21 10.38 15.88 8.08
CA ILE B 21 10.66 17.18 7.39
C ILE B 21 11.92 17.80 7.99
N TYR B 22 12.03 17.89 9.31
CA TYR B 22 13.24 18.50 9.95
C TYR B 22 14.44 17.55 9.77
N MET B 23 14.25 16.24 9.92
CA MET B 23 15.36 15.26 9.78
C MET B 23 16.01 15.42 8.39
N LEU B 24 15.21 15.49 7.33
CA LEU B 24 15.71 15.65 5.94
C LEU B 24 16.50 16.95 5.83
N HIS B 25 15.95 18.05 6.39
CA HIS B 25 16.62 19.37 6.39
C HIS B 25 18.01 19.23 7.00
N LYS B 26 18.10 18.65 8.20
CA LYS B 26 19.40 18.49 8.92
C LYS B 26 20.36 17.67 8.05
N LEU B 27 19.94 16.49 7.59
CA LEU B 27 20.84 15.51 6.93
C LEU B 27 21.25 16.00 5.53
N ARG B 28 20.33 16.50 4.71
CA ARG B 28 20.65 16.92 3.31
C ARG B 28 21.24 18.35 3.30
N ASN B 29 20.61 19.30 4.00
CA ASN B 29 20.97 20.74 3.94
C ASN B 29 22.18 20.99 4.83
N ASP B 30 22.17 20.58 6.10
CA ASP B 30 23.26 20.95 7.04
C ASP B 30 24.46 20.00 6.87
N LEU B 31 24.27 18.69 6.68
CA LEU B 31 25.38 17.71 6.62
C LEU B 31 25.81 17.43 5.17
N GLY B 32 25.02 17.84 4.18
CA GLY B 32 25.37 17.66 2.75
C GLY B 32 25.36 16.20 2.32
N LEU B 33 24.56 15.36 2.98
CA LEU B 33 24.42 13.91 2.69
C LEU B 33 23.39 13.69 1.58
N SER B 34 23.40 12.54 0.92
CA SER B 34 22.35 12.10 -0.03
C SER B 34 21.22 11.44 0.78
N VAL B 35 20.01 11.96 0.65
CA VAL B 35 18.85 11.56 1.50
C VAL B 35 17.59 11.47 0.63
N ARG B 36 16.74 10.49 0.93
CA ARG B 36 15.34 10.44 0.46
C ARG B 36 14.42 10.17 1.66
N VAL B 37 13.32 10.91 1.73
CA VAL B 37 12.15 10.65 2.62
C VAL B 37 11.17 9.79 1.82
N PHE B 38 10.63 8.74 2.42
CA PHE B 38 9.47 7.97 1.91
C PHE B 38 8.28 8.24 2.85
N GLU B 39 7.19 8.76 2.30
CA GLU B 39 5.92 9.04 3.01
C GLU B 39 4.79 8.29 2.27
N LYS B 40 4.04 7.44 2.97
CA LYS B 40 2.98 6.62 2.32
C LYS B 40 1.77 7.49 1.95
N GLY B 41 1.59 8.66 2.58
CA GLY B 41 0.52 9.63 2.24
C GLY B 41 0.78 10.32 0.91
N GLY B 42 -0.29 10.86 0.30
CA GLY B 42 -0.26 11.59 -0.98
C GLY B 42 0.20 13.04 -0.84
N GLY B 43 0.43 13.51 0.39
CA GLY B 43 1.06 14.83 0.68
C GLY B 43 1.86 14.77 1.96
N VAL B 44 2.72 15.79 2.18
CA VAL B 44 3.53 15.95 3.43
C VAL B 44 2.60 16.40 4.57
N GLY B 45 3.10 16.36 5.81
CA GLY B 45 2.46 17.02 6.97
C GLY B 45 2.08 16.04 8.07
N GLY B 46 2.20 14.73 7.79
CA GLY B 46 1.78 13.65 8.70
C GLY B 46 0.40 13.91 9.26
N THR B 47 0.31 14.09 10.58
CA THR B 47 -0.94 14.38 11.35
C THR B 47 -1.85 15.31 10.53
N TRP B 48 -1.25 16.35 9.96
CA TRP B 48 -1.96 17.55 9.42
C TRP B 48 -2.30 17.35 7.94
N TYR B 49 -1.82 16.28 7.33
CA TYR B 49 -2.32 15.77 6.02
C TYR B 49 -3.54 14.87 6.25
N TRP B 50 -3.42 13.89 7.14
CA TRP B 50 -4.43 12.80 7.29
C TRP B 50 -5.72 13.32 7.96
N ASN B 51 -5.60 14.16 8.98
CA ASN B 51 -6.73 14.52 9.88
C ASN B 51 -7.52 15.71 9.30
N LYS B 52 -8.21 15.47 8.18
CA LYS B 52 -8.97 16.51 7.42
C LYS B 52 -10.38 16.70 7.99
N TYR B 53 -10.72 16.08 9.12
CA TYR B 53 -12.10 16.11 9.67
C TYR B 53 -12.42 17.51 10.19
N PRO B 54 -13.71 17.93 10.21
CA PRO B 54 -14.04 19.26 10.73
C PRO B 54 -13.72 19.36 12.23
N GLY B 55 -13.13 20.48 12.62
CA GLY B 55 -12.73 20.78 14.00
C GLY B 55 -11.29 20.38 14.29
N ALA B 56 -10.64 19.64 13.38
CA ALA B 56 -9.25 19.17 13.56
C ALA B 56 -8.36 20.39 13.81
N LYS B 57 -7.65 20.42 14.95
CA LYS B 57 -6.81 21.58 15.34
C LYS B 57 -5.84 21.19 16.46
N SER B 58 -4.85 22.05 16.70
CA SER B 58 -3.83 21.90 17.76
C SER B 58 -4.49 22.08 19.13
N ASP B 59 -3.98 21.39 20.15
CA ASP B 59 -4.30 21.65 21.58
C ASP B 59 -3.05 22.19 22.28
N THR B 60 -1.94 22.33 21.55
CA THR B 60 -0.85 23.29 21.86
C THR B 60 -1.27 24.67 21.27
N GLU B 61 -1.14 25.74 22.04
CA GLU B 61 -1.39 27.11 21.49
C GLU B 61 -0.41 27.33 20.32
N GLY B 62 -0.89 27.96 19.26
CA GLY B 62 -0.15 28.18 18.01
C GLY B 62 1.25 28.74 18.24
N PHE B 63 1.44 29.62 19.23
CA PHE B 63 2.72 30.37 19.37
C PHE B 63 3.88 29.40 19.55
N VAL B 64 3.67 28.23 20.18
CA VAL B 64 4.77 27.22 20.42
C VAL B 64 4.49 25.90 19.69
N TYR B 65 3.47 25.84 18.82
CA TYR B 65 3.24 24.65 17.95
C TYR B 65 3.86 24.91 16.57
N ARG B 66 5.19 24.92 16.54
CA ARG B 66 6.00 25.30 15.36
C ARG B 66 7.47 25.00 15.67
N TYR B 67 8.30 24.93 14.62
CA TYR B 67 9.78 24.89 14.72
C TYR B 67 10.28 26.18 15.41
N SER B 68 11.42 26.07 16.11
CA SER B 68 12.17 27.16 16.78
C SER B 68 13.56 27.33 16.15
N PHE B 69 14.02 26.39 15.31
CA PHE B 69 15.43 26.29 14.86
C PHE B 69 15.80 27.42 13.89
N ASP B 70 14.82 28.03 13.21
CA ASP B 70 15.02 29.12 12.21
C ASP B 70 14.43 30.43 12.76
N LYS B 71 15.27 31.40 13.09
CA LYS B 71 14.85 32.65 13.78
C LYS B 71 14.11 33.57 12.80
N GLU B 72 14.46 33.52 11.52
CA GLU B 72 13.82 34.31 10.44
C GLU B 72 12.38 33.83 10.25
N LEU B 73 12.17 32.52 10.25
CA LEU B 73 10.82 31.90 10.12
C LEU B 73 9.98 32.29 11.34
N LEU B 74 10.59 32.31 12.54
CA LEU B 74 9.91 32.75 13.78
C LEU B 74 9.47 34.21 13.63
N ARG B 75 10.32 35.08 13.07
CA ARG B 75 10.00 36.51 12.82
C ARG B 75 8.91 36.66 11.75
N GLU B 76 8.93 35.85 10.69
CA GLU B 76 8.10 36.08 9.46
C GLU B 76 6.69 35.48 9.62
N TYR B 77 6.56 34.24 10.13
CA TYR B 77 5.32 33.43 9.94
C TYR B 77 4.24 33.91 10.92
N ASP B 78 3.07 34.22 10.37
CA ASP B 78 1.89 34.75 11.10
C ASP B 78 0.92 33.60 11.39
N TRP B 79 0.32 33.60 12.58
CA TRP B 79 -0.88 32.78 12.91
C TRP B 79 -1.95 33.75 13.38
N THR B 80 -3.21 33.43 13.12
CA THR B 80 -4.38 34.32 13.26
C THR B 80 -5.30 33.82 14.38
N THR B 81 -5.16 32.55 14.79
CA THR B 81 -6.03 31.87 15.80
C THR B 81 -5.15 31.34 16.93
N ARG B 82 -5.63 31.41 18.17
CA ARG B 82 -4.86 31.03 19.39
C ARG B 82 -4.38 29.59 19.25
N TYR B 83 -5.26 28.71 18.79
CA TYR B 83 -4.96 27.30 18.39
C TYR B 83 -5.11 27.20 16.86
N LEU B 84 -4.28 26.36 16.24
CA LEU B 84 -4.09 26.28 14.77
C LEU B 84 -5.03 25.23 14.17
N ASP B 85 -5.88 25.63 13.24
CA ASP B 85 -6.72 24.69 12.45
C ASP B 85 -5.81 23.81 11.59
N GLN B 86 -6.28 22.59 11.28
CA GLN B 86 -5.50 21.58 10.52
C GLN B 86 -5.02 22.16 9.18
N PRO B 87 -5.85 22.89 8.38
CA PRO B 87 -5.36 23.46 7.13
C PRO B 87 -4.22 24.47 7.32
N ASP B 88 -4.17 25.17 8.45
CA ASP B 88 -3.14 26.20 8.73
C ASP B 88 -1.84 25.50 9.15
N VAL B 89 -1.92 24.39 9.89
CA VAL B 89 -0.69 23.65 10.28
C VAL B 89 -0.11 23.03 9.01
N LEU B 90 -0.96 22.40 8.18
CA LEU B 90 -0.54 21.79 6.89
C LEU B 90 0.13 22.88 6.04
N ALA B 91 -0.48 24.07 5.94
CA ALA B 91 0.09 25.20 5.16
C ALA B 91 1.47 25.55 5.72
N TYR B 92 1.64 25.62 7.05
CA TYR B 92 2.95 25.96 7.68
C TYR B 92 4.01 24.93 7.25
N LEU B 93 3.69 23.64 7.33
CA LEU B 93 4.67 22.55 7.01
C LEU B 93 5.00 22.56 5.52
N GLU B 94 4.02 22.78 4.64
CA GLU B 94 4.26 22.92 3.18
C GLU B 94 5.20 24.11 2.95
N HIS B 95 5.03 25.20 3.70
CA HIS B 95 5.92 26.40 3.64
C HIS B 95 7.35 26.00 4.03
N VAL B 96 7.53 25.27 5.13
CA VAL B 96 8.88 24.80 5.57
C VAL B 96 9.50 23.99 4.42
N VAL B 97 8.75 23.09 3.82
CA VAL B 97 9.22 22.21 2.70
C VAL B 97 9.65 23.08 1.51
N GLU B 98 8.87 24.10 1.15
CA GLU B 98 9.19 25.05 0.04
C GLU B 98 10.46 25.82 0.42
N ARG B 99 10.52 26.34 1.64
CA ARG B 99 11.57 27.24 2.15
C ARG B 99 12.94 26.55 2.00
N TYR B 100 13.02 25.25 2.29
CA TYR B 100 14.32 24.52 2.27
C TYR B 100 14.44 23.57 1.07
N ASP B 101 13.52 23.69 0.12
CA ASP B 101 13.59 22.95 -1.18
C ASP B 101 13.62 21.45 -0.90
N LEU B 102 12.72 20.96 -0.04
CA LEU B 102 12.69 19.55 0.44
C LEU B 102 11.83 18.67 -0.49
N ALA B 103 10.81 19.22 -1.16
CA ALA B 103 9.81 18.44 -1.95
C ALA B 103 10.51 17.47 -2.90
N ARG B 104 11.64 17.89 -3.52
CA ARG B 104 12.32 17.07 -4.56
C ARG B 104 12.87 15.78 -3.95
N ASP B 105 13.07 15.72 -2.63
CA ASP B 105 13.70 14.54 -1.98
C ASP B 105 12.70 13.85 -1.04
N ILE B 106 11.42 14.21 -1.13
CA ILE B 106 10.30 13.53 -0.41
C ILE B 106 9.47 12.78 -1.45
N GLN B 107 9.53 11.45 -1.43
CA GLN B 107 8.76 10.59 -2.36
C GLN B 107 7.42 10.24 -1.70
N LEU B 108 6.33 10.78 -2.22
CA LEU B 108 4.97 10.56 -1.66
C LEU B 108 4.40 9.23 -2.15
N ASN B 109 3.32 8.78 -1.52
CA ASN B 109 2.53 7.56 -1.84
C ASN B 109 3.40 6.30 -1.65
N THR B 110 4.52 6.42 -0.95
CA THR B 110 5.55 5.36 -0.88
C THR B 110 5.62 4.82 0.56
N GLU B 111 5.00 3.66 0.76
CA GLU B 111 5.06 2.89 2.03
C GLU B 111 6.33 2.05 2.03
N VAL B 112 7.14 2.17 3.09
CA VAL B 112 8.25 1.21 3.34
C VAL B 112 7.65 -0.01 4.03
N THR B 113 7.79 -1.18 3.41
CA THR B 113 7.22 -2.47 3.89
C THR B 113 8.29 -3.26 4.63
N ASP B 114 9.56 -3.09 4.23
CA ASP B 114 10.73 -3.83 4.76
C ASP B 114 11.89 -2.87 5.01
N ALA B 115 12.57 -3.03 6.13
CA ALA B 115 13.91 -2.46 6.41
C ALA B 115 14.76 -3.54 7.08
N ILE B 116 15.78 -4.03 6.38
CA ILE B 116 16.58 -5.23 6.76
C ILE B 116 18.02 -4.78 6.95
N PHE B 117 18.59 -4.94 8.14
CA PHE B 117 20.03 -4.65 8.35
C PHE B 117 20.82 -5.81 7.75
N ASP B 118 21.68 -5.51 6.79
CA ASP B 118 22.56 -6.50 6.12
C ASP B 118 23.88 -6.57 6.91
N GLU B 119 24.09 -7.66 7.65
CA GLU B 119 25.23 -7.77 8.60
C GLU B 119 26.55 -7.90 7.83
N GLU B 120 26.49 -8.28 6.55
CA GLU B 120 27.69 -8.37 5.66
C GLU B 120 28.16 -6.97 5.26
N THR B 121 27.29 -6.19 4.63
CA THR B 121 27.60 -4.83 4.10
C THR B 121 27.51 -3.80 5.23
N GLU B 122 26.78 -4.12 6.30
CA GLU B 122 26.46 -3.15 7.38
C GLU B 122 25.70 -1.96 6.80
N LEU B 123 24.76 -2.25 5.89
CA LEU B 123 23.90 -1.27 5.21
C LEU B 123 22.44 -1.69 5.43
N TRP B 124 21.54 -0.70 5.49
CA TRP B 124 20.08 -0.90 5.54
C TRP B 124 19.57 -1.12 4.12
N ARG B 125 18.87 -2.24 3.91
CA ARG B 125 18.17 -2.59 2.64
C ARG B 125 16.68 -2.28 2.83
N VAL B 126 16.18 -1.25 2.15
CA VAL B 126 14.79 -0.73 2.32
C VAL B 126 13.97 -1.11 1.09
N THR B 127 12.81 -1.74 1.30
CA THR B 127 11.88 -2.12 0.21
C THR B 127 10.58 -1.35 0.38
N THR B 128 10.04 -0.85 -0.72
CA THR B 128 8.75 -0.11 -0.77
C THR B 128 7.64 -1.02 -1.30
N ALA B 129 6.40 -0.68 -1.00
CA ALA B 129 5.19 -1.33 -1.58
C ALA B 129 5.28 -1.26 -3.11
N GLY B 130 5.90 -0.21 -3.66
CA GLY B 130 6.01 -0.01 -5.13
C GLY B 130 7.09 -0.86 -5.78
N GLY B 131 7.80 -1.69 -5.01
CA GLY B 131 8.82 -2.66 -5.50
C GLY B 131 10.19 -2.03 -5.76
N GLU B 132 10.51 -0.93 -5.05
CA GLU B 132 11.87 -0.35 -5.03
C GLU B 132 12.66 -0.95 -3.86
N THR B 133 13.91 -1.32 -4.12
CA THR B 133 14.92 -1.71 -3.10
C THR B 133 16.12 -0.77 -3.21
N LEU B 134 16.42 -0.05 -2.14
CA LEU B 134 17.55 0.91 -2.06
C LEU B 134 18.32 0.59 -0.78
N THR B 135 19.62 0.84 -0.75
CA THR B 135 20.46 0.71 0.45
C THR B 135 20.80 2.10 0.99
N ALA B 136 20.91 2.23 2.31
CA ALA B 136 21.35 3.44 3.01
C ALA B 136 22.23 3.02 4.17
N ARG B 137 23.22 3.84 4.53
CA ARG B 137 24.05 3.62 5.73
C ARG B 137 23.19 3.89 6.97
N PHE B 138 22.45 5.00 6.98
CA PHE B 138 21.64 5.47 8.15
C PHE B 138 20.15 5.37 7.81
N LEU B 139 19.37 4.85 8.76
CA LEU B 139 17.89 4.79 8.66
C LEU B 139 17.31 5.64 9.79
N VAL B 140 16.42 6.57 9.46
CA VAL B 140 15.65 7.37 10.46
C VAL B 140 14.17 7.07 10.27
N THR B 141 13.55 6.49 11.30
CA THR B 141 12.10 6.14 11.34
C THR B 141 11.36 7.25 12.11
N ALA B 142 10.71 8.18 11.40
CA ALA B 142 9.79 9.21 11.97
C ALA B 142 8.34 8.80 11.67
N LEU B 143 7.91 7.67 12.22
CA LEU B 143 6.68 6.93 11.81
C LEU B 143 5.44 7.46 12.54
N GLY B 144 5.60 8.31 13.57
CA GLY B 144 4.49 8.90 14.34
C GLY B 144 4.10 8.06 15.54
N LEU B 145 4.06 8.69 16.72
CA LEU B 145 3.45 8.14 17.96
C LEU B 145 1.96 7.86 17.71
N LEU B 146 1.30 8.67 16.89
CA LEU B 146 -0.18 8.69 16.76
C LEU B 146 -0.55 8.69 15.27
N SER B 147 -0.05 7.69 14.55
CA SER B 147 -0.16 7.58 13.08
C SER B 147 -1.01 6.37 12.68
N ARG B 148 -0.80 5.19 13.30
CA ARG B 148 -1.47 3.95 12.85
C ARG B 148 -2.91 3.91 13.39
N SER B 149 -3.89 4.10 12.51
CA SER B 149 -5.34 4.15 12.84
C SER B 149 -5.75 2.90 13.63
N ASN B 150 -6.41 3.07 14.76
CA ASN B 150 -7.08 1.95 15.47
C ASN B 150 -8.54 1.90 15.00
N ILE B 151 -8.91 0.87 14.23
CA ILE B 151 -10.31 0.61 13.78
C ILE B 151 -10.80 -0.66 14.44
N PRO B 152 -11.46 -0.58 15.63
CA PRO B 152 -12.01 -1.77 16.29
C PRO B 152 -12.91 -2.58 15.35
N ASP B 153 -12.85 -3.92 15.49
CA ASP B 153 -13.67 -4.90 14.74
C ASP B 153 -15.03 -5.05 15.45
N ILE B 154 -15.80 -3.97 15.57
CA ILE B 154 -17.20 -4.02 16.08
C ILE B 154 -17.99 -4.89 15.11
N PRO B 155 -18.72 -5.92 15.60
CA PRO B 155 -19.47 -6.80 14.72
C PRO B 155 -20.35 -6.02 13.72
N GLY B 156 -20.28 -6.40 12.44
CA GLY B 156 -21.15 -5.89 11.36
C GLY B 156 -20.59 -4.63 10.71
N ARG B 157 -19.52 -4.07 11.27
CA ARG B 157 -18.89 -2.79 10.86
C ARG B 157 -18.99 -2.59 9.34
N ASP B 158 -18.65 -3.62 8.56
CA ASP B 158 -18.50 -3.52 7.08
C ASP B 158 -19.87 -3.59 6.39
N SER B 159 -20.96 -3.85 7.11
CA SER B 159 -22.33 -3.89 6.53
C SER B 159 -22.85 -2.47 6.30
N PHE B 160 -22.36 -1.49 7.06
CA PHE B 160 -22.88 -0.09 7.03
C PHE B 160 -22.99 0.41 5.58
N ALA B 161 -24.18 0.86 5.17
CA ALA B 161 -24.53 1.28 3.79
C ALA B 161 -24.08 2.72 3.52
N GLY B 162 -23.80 3.52 4.56
CA GLY B 162 -23.38 4.92 4.38
C GLY B 162 -21.87 5.05 4.25
N ARG B 163 -21.38 6.26 4.52
CA ARG B 163 -19.94 6.62 4.52
C ARG B 163 -19.37 6.31 5.92
N LEU B 164 -18.49 5.33 6.02
CA LEU B 164 -17.84 4.94 7.30
C LEU B 164 -16.37 5.31 7.21
N VAL B 165 -15.89 6.16 8.10
CA VAL B 165 -14.50 6.71 8.03
C VAL B 165 -13.87 6.72 9.43
N HIS B 166 -12.56 6.47 9.50
CA HIS B 166 -11.72 6.82 10.67
C HIS B 166 -11.29 8.28 10.50
N THR B 167 -11.22 9.03 11.59
CA THR B 167 -10.90 10.48 11.61
C THR B 167 -9.55 10.68 10.92
N ASN B 168 -8.60 9.75 11.12
CA ASN B 168 -7.23 9.77 10.56
C ASN B 168 -7.24 9.37 9.08
N ALA B 169 -8.42 9.01 8.54
CA ALA B 169 -8.65 8.77 7.09
C ALA B 169 -9.82 9.61 6.59
N TRP B 170 -10.12 10.75 7.24
CA TRP B 170 -11.22 11.63 6.81
C TRP B 170 -11.05 11.92 5.31
N PRO B 171 -12.01 11.50 4.45
CA PRO B 171 -11.91 11.78 3.01
C PRO B 171 -12.30 13.23 2.68
N GLU B 172 -11.54 13.85 1.77
CA GLU B 172 -11.63 15.31 1.46
C GLU B 172 -13.00 15.66 0.85
N ASP B 173 -13.67 14.73 0.16
CA ASP B 173 -14.96 15.00 -0.53
C ASP B 173 -16.12 15.03 0.47
N LEU B 174 -16.00 14.42 1.64
CA LEU B 174 -17.15 14.14 2.56
C LEU B 174 -17.64 15.44 3.22
N ASP B 175 -18.90 15.80 2.95
CA ASP B 175 -19.61 16.95 3.56
C ASP B 175 -20.78 16.43 4.39
N ILE B 176 -20.68 16.55 5.73
CA ILE B 176 -21.68 15.98 6.69
C ILE B 176 -22.84 16.97 6.90
N THR B 177 -22.81 18.13 6.23
CA THR B 177 -23.87 19.17 6.32
C THR B 177 -25.23 18.51 6.10
N GLY B 178 -26.13 18.62 7.07
CA GLY B 178 -27.52 18.11 6.99
C GLY B 178 -27.61 16.60 6.97
N LYS B 179 -26.55 15.87 7.30
CA LYS B 179 -26.61 14.38 7.39
C LYS B 179 -26.79 13.95 8.86
N ARG B 180 -27.22 12.71 9.05
CA ARG B 180 -27.27 12.06 10.39
C ARG B 180 -25.90 11.40 10.60
N VAL B 181 -25.15 11.91 11.58
CA VAL B 181 -23.73 11.53 11.84
C VAL B 181 -23.69 10.83 13.20
N GLY B 182 -23.04 9.66 13.26
CA GLY B 182 -22.63 9.01 14.51
C GLY B 182 -21.14 9.15 14.68
N VAL B 183 -20.65 9.35 15.90
CA VAL B 183 -19.20 9.31 16.20
C VAL B 183 -18.98 8.41 17.42
N ILE B 184 -18.02 7.49 17.31
CA ILE B 184 -17.57 6.57 18.39
C ILE B 184 -16.21 7.09 18.88
N GLY B 185 -16.15 7.53 20.14
CA GLY B 185 -14.93 8.01 20.79
C GLY B 185 -15.01 9.47 21.21
N THR B 186 -14.57 9.77 22.43
CA THR B 186 -14.58 11.13 23.04
C THR B 186 -13.21 11.44 23.64
N GLY B 187 -12.13 11.12 22.93
CA GLY B 187 -10.78 11.67 23.18
C GLY B 187 -10.63 13.05 22.53
N SER B 188 -9.40 13.52 22.40
CA SER B 188 -9.08 14.84 21.78
C SER B 188 -9.70 14.91 20.38
N THR B 189 -9.60 13.84 19.57
CA THR B 189 -10.17 13.80 18.19
C THR B 189 -11.70 13.94 18.26
N GLY B 190 -12.36 13.02 18.96
CA GLY B 190 -13.83 12.96 19.03
C GLY B 190 -14.43 14.28 19.49
N THR B 191 -13.93 14.85 20.58
CA THR B 191 -14.55 16.01 21.26
C THR B 191 -14.40 17.25 20.37
N GLN B 192 -13.25 17.46 19.72
CA GLN B 192 -13.09 18.65 18.84
C GLN B 192 -13.95 18.42 17.58
N PHE B 193 -14.06 17.17 17.11
CA PHE B 193 -14.94 16.82 15.98
C PHE B 193 -16.40 17.13 16.37
N ILE B 194 -16.80 16.75 17.58
CA ILE B 194 -18.21 16.89 18.07
C ILE B 194 -18.58 18.38 18.05
N VAL B 195 -17.69 19.26 18.48
CA VAL B 195 -17.99 20.72 18.53
C VAL B 195 -18.28 21.21 17.11
N ALA B 196 -17.45 20.86 16.12
CA ALA B 196 -17.59 21.30 14.71
C ALA B 196 -18.80 20.62 14.05
N ALA B 197 -18.89 19.29 14.16
CA ALA B 197 -19.94 18.45 13.54
C ALA B 197 -21.35 18.88 13.94
N ALA B 198 -21.56 19.25 15.21
CA ALA B 198 -22.88 19.64 15.77
C ALA B 198 -23.47 20.82 15.00
N LYS B 199 -22.62 21.70 14.47
CA LYS B 199 -23.03 22.90 13.71
C LYS B 199 -23.47 22.53 12.29
N MET B 200 -23.08 21.36 11.79
CA MET B 200 -23.23 20.97 10.36
C MET B 200 -24.33 19.92 10.20
N ALA B 201 -24.29 18.87 11.02
CA ALA B 201 -25.14 17.66 10.94
C ALA B 201 -26.62 18.00 11.19
N GLU B 202 -27.53 17.32 10.50
CA GLU B 202 -28.97 17.34 10.85
C GLU B 202 -29.11 16.83 12.29
N GLN B 203 -28.45 15.70 12.58
CA GLN B 203 -28.42 15.07 13.91
C GLN B 203 -27.01 14.49 14.14
N LEU B 204 -26.49 14.63 15.36
CA LEU B 204 -25.19 14.07 15.77
C LEU B 204 -25.42 13.19 16.99
N THR B 205 -25.15 11.87 16.85
CA THR B 205 -25.24 10.89 17.95
C THR B 205 -23.83 10.54 18.38
N VAL B 206 -23.51 10.79 19.65
CA VAL B 206 -22.20 10.50 20.29
C VAL B 206 -22.31 9.16 21.03
N PHE B 207 -21.50 8.19 20.60
CA PHE B 207 -21.31 6.86 21.24
C PHE B 207 -20.06 6.90 22.13
N GLN B 208 -20.29 7.14 23.43
CA GLN B 208 -19.26 7.40 24.46
C GLN B 208 -19.15 6.20 25.40
N ARG B 209 -18.00 5.50 25.39
CA ARG B 209 -17.70 4.42 26.37
C ARG B 209 -17.14 5.04 27.66
N THR B 210 -16.34 6.11 27.53
CA THR B 210 -15.52 6.66 28.65
C THR B 210 -15.44 8.18 28.53
N PRO B 211 -16.27 8.95 29.30
CA PRO B 211 -16.16 10.40 29.33
C PRO B 211 -14.80 10.81 29.91
N GLN B 212 -14.25 11.91 29.39
CA GLN B 212 -12.94 12.47 29.81
C GLN B 212 -13.18 13.85 30.43
N TYR B 213 -12.20 14.29 31.21
CA TYR B 213 -12.21 15.59 31.94
C TYR B 213 -11.75 16.69 30.98
N CYS B 214 -12.65 17.09 30.07
CA CYS B 214 -12.39 18.17 29.09
C CYS B 214 -12.43 19.51 29.82
N VAL B 215 -11.51 20.41 29.48
CA VAL B 215 -11.42 21.79 30.02
C VAL B 215 -11.43 22.75 28.84
N PRO B 216 -11.75 24.05 29.04
CA PRO B 216 -11.74 25.02 27.95
C PRO B 216 -10.34 25.16 27.34
N SER B 217 -10.28 25.41 26.02
CA SER B 217 -9.03 25.75 25.31
C SER B 217 -8.75 27.26 25.44
N GLY B 218 -9.81 28.07 25.50
CA GLY B 218 -9.74 29.53 25.36
C GLY B 218 -9.43 29.95 23.93
N ASN B 219 -9.70 29.10 22.94
CA ASN B 219 -9.45 29.42 21.50
C ASN B 219 -10.26 30.67 21.13
N GLY B 220 -9.76 31.44 20.16
CA GLY B 220 -10.38 32.65 19.60
C GLY B 220 -9.42 33.35 18.66
N PRO B 221 -9.83 34.48 18.05
CA PRO B 221 -8.91 35.24 17.19
C PRO B 221 -7.65 35.68 17.96
N MET B 222 -6.50 35.70 17.29
CA MET B 222 -5.24 36.25 17.85
C MET B 222 -5.16 37.75 17.54
N ASP B 223 -4.87 38.56 18.56
CA ASP B 223 -4.56 40.00 18.39
C ASP B 223 -3.23 40.13 17.66
N PRO B 224 -3.20 40.64 16.40
CA PRO B 224 -1.95 40.67 15.64
C PRO B 224 -0.84 41.47 16.34
N ASP B 225 -1.21 42.37 17.28
CA ASP B 225 -0.25 43.15 18.09
C ASP B 225 0.37 42.24 19.17
N GLU B 226 -0.37 41.24 19.69
CA GLU B 226 0.19 40.22 20.63
C GLU B 226 1.18 39.32 19.87
N VAL B 227 0.86 38.97 18.62
CA VAL B 227 1.71 38.10 17.77
C VAL B 227 3.06 38.80 17.54
N ALA B 228 3.03 40.13 17.33
CA ALA B 228 4.24 40.98 17.21
C ALA B 228 5.05 40.92 18.52
N ARG B 229 4.41 41.05 19.68
CA ARG B 229 5.07 41.01 21.01
C ARG B 229 5.64 39.61 21.28
N ILE B 230 4.86 38.55 21.02
CA ILE B 230 5.36 37.16 21.20
C ILE B 230 6.64 37.04 20.38
N LYS B 231 6.61 37.48 19.13
CA LYS B 231 7.77 37.40 18.19
C LYS B 231 8.96 38.14 18.80
N GLN B 232 8.73 39.30 19.44
CA GLN B 232 9.79 40.08 20.13
C GLN B 232 10.53 39.20 21.15
N ASN B 233 9.81 38.32 21.86
CA ASN B 233 10.30 37.59 23.05
C ASN B 233 10.54 36.10 22.74
N PHE B 234 10.69 35.71 21.47
CA PHE B 234 10.73 34.27 21.07
C PHE B 234 11.93 33.59 21.72
N ASP B 235 13.09 34.27 21.78
CA ASP B 235 14.33 33.66 22.34
C ASP B 235 14.06 33.21 23.78
N SER B 236 13.43 34.06 24.60
CA SER B 236 13.19 33.74 26.04
C SER B 236 12.06 32.70 26.17
N ILE B 237 11.06 32.77 25.30
CA ILE B 237 9.91 31.80 25.25
C ILE B 237 10.44 30.38 24.97
N TRP B 238 11.35 30.21 24.02
CA TRP B 238 11.88 28.87 23.65
C TRP B 238 12.83 28.38 24.74
N ASP B 239 13.51 29.29 25.44
CA ASP B 239 14.36 28.97 26.61
C ASP B 239 13.49 28.30 27.70
N GLN B 240 12.36 28.92 28.03
CA GLN B 240 11.42 28.41 29.06
C GLN B 240 10.85 27.06 28.60
N VAL B 241 10.42 26.95 27.33
CA VAL B 241 9.90 25.70 26.71
C VAL B 241 10.89 24.55 26.92
N ARG B 242 12.16 24.74 26.53
CA ARG B 242 13.21 23.70 26.53
C ARG B 242 13.58 23.26 27.95
N SER B 243 13.34 24.09 28.96
CA SER B 243 13.72 23.81 30.38
C SER B 243 12.52 23.33 31.19
N SER B 244 11.32 23.30 30.59
CA SER B 244 10.06 22.87 31.24
C SER B 244 9.93 21.34 31.16
N THR B 245 8.86 20.77 31.70
CA THR B 245 8.54 19.32 31.56
C THR B 245 7.68 19.11 30.31
N VAL B 246 6.59 19.85 30.12
CA VAL B 246 5.61 19.52 29.04
C VAL B 246 5.71 20.49 27.86
N ALA B 247 6.46 21.59 28.00
CA ALA B 247 6.88 22.46 26.86
C ALA B 247 5.68 23.13 26.17
N PHE B 248 4.62 23.48 26.91
CA PHE B 248 3.39 24.08 26.32
C PHE B 248 3.45 25.62 26.35
N GLY B 249 4.61 26.18 26.71
CA GLY B 249 4.84 27.64 26.68
C GLY B 249 4.24 28.38 27.85
N PHE B 250 3.99 27.72 28.98
CA PHE B 250 3.61 28.40 30.25
C PHE B 250 4.55 27.94 31.37
N GLU B 251 4.68 28.77 32.40
CA GLU B 251 5.41 28.43 33.65
C GLU B 251 4.59 27.38 34.39
N GLU B 252 5.19 26.22 34.68
CA GLU B 252 4.53 25.13 35.43
C GLU B 252 4.51 25.50 36.93
N SER B 253 3.45 25.13 37.62
CA SER B 253 3.28 25.42 39.07
C SER B 253 4.32 24.64 39.87
N THR B 254 4.84 25.24 40.94
CA THR B 254 5.71 24.57 41.94
C THR B 254 4.96 24.41 43.27
N VAL B 255 3.64 24.62 43.27
CA VAL B 255 2.81 24.60 44.51
C VAL B 255 2.07 23.28 44.63
N GLU B 256 2.10 22.65 45.81
CA GLU B 256 1.38 21.39 46.10
C GLU B 256 -0.10 21.72 46.30
N ALA B 257 -1.01 21.00 45.64
CA ALA B 257 -2.46 21.31 45.64
C ALA B 257 -2.96 21.41 47.09
N MET B 258 -2.59 20.45 47.94
CA MET B 258 -3.16 20.31 49.31
C MET B 258 -2.37 21.16 50.33
N SER B 259 -1.39 21.95 49.88
CA SER B 259 -0.62 22.87 50.76
C SER B 259 -1.35 24.21 50.93
N VAL B 260 -2.42 24.46 50.17
CA VAL B 260 -3.12 25.78 50.20
C VAL B 260 -4.53 25.56 50.74
N SER B 261 -5.29 26.63 50.94
CA SER B 261 -6.68 26.58 51.44
C SER B 261 -7.58 25.97 50.36
N GLU B 262 -8.77 25.54 50.78
CA GLU B 262 -9.88 25.09 49.89
C GLU B 262 -10.22 26.23 48.93
N SER B 263 -10.35 27.45 49.47
CA SER B 263 -10.66 28.69 48.73
C SER B 263 -9.63 28.90 47.60
N GLU B 264 -8.35 28.79 47.94
CA GLU B 264 -7.21 29.00 47.01
C GLU B 264 -7.26 27.94 45.90
N ARG B 265 -7.51 26.66 46.23
CA ARG B 265 -7.62 25.58 45.22
C ARG B 265 -8.70 25.96 44.21
N GLN B 266 -9.90 26.32 44.69
CA GLN B 266 -11.04 26.74 43.83
C GLN B 266 -10.62 27.92 42.93
N ARG B 267 -9.95 28.92 43.48
CA ARG B 267 -9.47 30.12 42.74
C ARG B 267 -8.46 29.73 41.65
N VAL B 268 -7.47 28.91 41.98
CA VAL B 268 -6.36 28.53 41.04
C VAL B 268 -6.96 27.77 39.86
N PHE B 269 -7.79 26.76 40.15
CA PHE B 269 -8.53 25.96 39.15
C PHE B 269 -9.40 26.88 38.27
N GLN B 270 -10.19 27.77 38.87
CA GLN B 270 -11.09 28.69 38.11
C GLN B 270 -10.23 29.59 37.20
N GLN B 271 -9.07 30.06 37.67
CA GLN B 271 -8.17 30.93 36.88
C GLN B 271 -7.62 30.17 35.66
N ALA B 272 -7.27 28.89 35.80
CA ALA B 272 -6.74 28.07 34.68
C ALA B 272 -7.89 27.73 33.74
N TRP B 273 -9.07 27.43 34.30
CA TRP B 273 -10.33 27.20 33.53
C TRP B 273 -10.60 28.42 32.64
N ASP B 274 -10.51 29.63 33.20
CA ASP B 274 -10.77 30.90 32.46
C ASP B 274 -9.65 31.15 31.44
N LYS B 275 -8.39 30.81 31.76
CA LYS B 275 -7.25 31.10 30.85
C LYS B 275 -7.28 30.08 29.70
N GLY B 276 -7.71 28.84 29.96
CA GLY B 276 -7.79 27.76 28.96
C GLY B 276 -6.48 26.99 28.80
N ASN B 277 -6.59 25.82 28.19
CA ASN B 277 -5.51 24.85 27.80
C ASN B 277 -5.56 23.64 28.75
N GLY B 278 -5.50 22.43 28.21
CA GLY B 278 -5.57 21.17 28.99
C GLY B 278 -4.33 20.97 29.82
N PHE B 279 -3.14 21.17 29.23
CA PHE B 279 -1.86 20.98 29.95
C PHE B 279 -1.74 22.05 31.04
N ARG B 280 -2.23 23.27 30.80
CA ARG B 280 -2.26 24.35 31.83
C ARG B 280 -3.07 23.86 33.05
N PHE B 281 -4.22 23.24 32.83
CA PHE B 281 -5.10 22.78 33.94
C PHE B 281 -4.36 21.71 34.77
N MET B 282 -3.65 20.80 34.10
CA MET B 282 -2.98 19.66 34.78
C MET B 282 -1.67 20.11 35.43
N PHE B 283 -0.93 21.06 34.87
CA PHE B 283 0.46 21.37 35.30
C PHE B 283 0.69 22.85 35.65
N GLY B 284 -0.22 23.75 35.24
CA GLY B 284 -0.13 25.19 35.53
C GLY B 284 -0.99 25.61 36.71
N THR B 285 -1.62 24.65 37.40
CA THR B 285 -2.47 24.86 38.60
C THR B 285 -1.61 24.58 39.84
N PHE B 286 -1.26 23.31 40.01
CA PHE B 286 -0.39 22.79 41.12
C PHE B 286 0.64 21.84 40.52
N CYS B 287 1.67 21.47 41.28
CA CYS B 287 2.83 20.69 40.80
C CYS B 287 2.59 19.17 40.93
N ASP B 288 1.46 18.71 41.48
CA ASP B 288 1.30 17.30 41.88
C ASP B 288 -0.07 16.74 41.46
N ILE B 289 -0.74 17.33 40.45
CA ILE B 289 -2.06 16.84 39.95
C ILE B 289 -1.92 15.39 39.47
N ALA B 290 -0.81 15.09 38.78
CA ALA B 290 -0.55 13.78 38.13
C ALA B 290 0.17 12.79 39.07
N THR B 291 0.58 13.20 40.28
CA THR B 291 1.36 12.33 41.22
C THR B 291 0.64 12.08 42.54
N ASN B 292 0.06 13.12 43.17
CA ASN B 292 -0.66 13.00 44.46
C ASN B 292 -2.15 12.70 44.20
N PRO B 293 -2.66 11.50 44.57
CA PRO B 293 -4.05 11.15 44.30
C PRO B 293 -5.09 12.11 44.89
N GLU B 294 -4.76 12.74 46.03
CA GLU B 294 -5.64 13.75 46.69
C GLU B 294 -5.68 15.03 45.82
N ALA B 295 -4.52 15.46 45.29
CA ALA B 295 -4.43 16.59 44.32
C ALA B 295 -5.27 16.27 43.08
N ASN B 296 -5.11 15.05 42.54
CA ASN B 296 -5.82 14.58 41.33
C ASN B 296 -7.34 14.67 41.55
N ALA B 297 -7.82 14.20 42.72
CA ALA B 297 -9.26 14.18 43.05
C ALA B 297 -9.81 15.61 43.14
N ALA B 298 -9.05 16.57 43.67
CA ALA B 298 -9.44 18.00 43.74
C ALA B 298 -9.59 18.57 42.32
N ALA B 299 -8.66 18.26 41.40
CA ALA B 299 -8.70 18.76 40.01
C ALA B 299 -9.91 18.14 39.31
N ALA B 300 -10.05 16.81 39.41
CA ALA B 300 -11.18 16.04 38.85
C ALA B 300 -12.52 16.62 39.36
N ALA B 301 -12.62 16.89 40.67
CA ALA B 301 -13.88 17.39 41.29
C ALA B 301 -14.24 18.74 40.69
N PHE B 302 -13.26 19.62 40.50
CA PHE B 302 -13.50 20.97 39.93
C PHE B 302 -14.13 20.80 38.55
N ILE B 303 -13.55 19.92 37.72
CA ILE B 303 -14.04 19.73 36.32
C ILE B 303 -15.48 19.17 36.37
N ARG B 304 -15.78 18.23 37.26
CA ARG B 304 -17.18 17.70 37.41
C ARG B 304 -18.16 18.84 37.76
N SER B 305 -17.76 19.77 38.64
CA SER B 305 -18.61 20.91 39.08
C SER B 305 -18.96 21.80 37.87
N LYS B 306 -18.01 22.03 36.96
CA LYS B 306 -18.22 22.87 35.76
C LYS B 306 -19.21 22.20 34.81
N ILE B 307 -19.12 20.87 34.63
CA ILE B 307 -20.05 20.07 33.80
C ILE B 307 -21.49 20.25 34.34
N ALA B 308 -21.69 20.12 35.65
CA ALA B 308 -23.01 20.24 36.30
C ALA B 308 -23.56 21.66 36.09
N GLU B 309 -22.70 22.68 36.06
CA GLU B 309 -23.10 24.09 35.79
C GLU B 309 -23.56 24.26 34.34
N ILE B 310 -22.88 23.63 33.38
CA ILE B 310 -23.01 23.94 31.93
C ILE B 310 -24.17 23.15 31.32
N VAL B 311 -24.25 21.86 31.61
CA VAL B 311 -25.17 20.91 30.92
C VAL B 311 -26.54 20.91 31.62
N LYS B 312 -27.60 21.22 30.87
CA LYS B 312 -28.95 21.54 31.40
C LYS B 312 -29.73 20.25 31.67
N ASP B 313 -29.68 19.27 30.78
CA ASP B 313 -30.32 17.95 30.99
C ASP B 313 -29.52 17.19 32.06
N PRO B 314 -30.12 16.87 33.24
CA PRO B 314 -29.37 16.19 34.31
C PRO B 314 -28.86 14.79 33.93
N GLU B 315 -29.56 14.07 33.06
CA GLU B 315 -29.13 12.73 32.58
C GLU B 315 -27.87 12.90 31.70
N THR B 316 -27.85 13.90 30.82
CA THR B 316 -26.72 14.16 29.90
C THR B 316 -25.51 14.58 30.74
N ALA B 317 -25.72 15.45 31.73
CA ALA B 317 -24.69 15.89 32.71
C ALA B 317 -24.03 14.67 33.35
N ARG B 318 -24.85 13.77 33.91
CA ARG B 318 -24.36 12.54 34.59
C ARG B 318 -23.51 11.72 33.62
N LYS B 319 -24.00 11.47 32.40
CA LYS B 319 -23.29 10.61 31.42
C LYS B 319 -21.99 11.29 30.97
N LEU B 320 -21.94 12.62 30.96
CA LEU B 320 -20.73 13.39 30.55
C LEU B 320 -19.70 13.43 31.68
N THR B 321 -20.11 13.13 32.92
CA THR B 321 -19.27 13.39 34.12
C THR B 321 -18.43 12.16 34.39
N PRO B 322 -17.09 12.22 34.21
CA PRO B 322 -16.25 11.06 34.44
C PRO B 322 -16.09 10.88 35.96
N THR B 323 -15.86 9.64 36.41
CA THR B 323 -15.64 9.33 37.86
C THR B 323 -14.31 8.61 38.06
N ASP B 324 -13.50 8.46 37.02
CA ASP B 324 -12.19 7.74 37.09
C ASP B 324 -11.08 8.77 37.32
N LEU B 325 -9.81 8.34 37.37
CA LEU B 325 -8.65 9.24 37.58
C LEU B 325 -8.55 10.23 36.43
N TYR B 326 -8.28 11.50 36.76
CA TYR B 326 -7.86 12.57 35.81
C TYR B 326 -6.39 12.32 35.44
N ALA B 327 -6.12 11.23 34.71
CA ALA B 327 -4.75 10.78 34.38
C ALA B 327 -4.65 10.29 32.92
N LYS B 328 -5.65 10.54 32.08
CA LYS B 328 -5.49 10.43 30.61
C LYS B 328 -4.75 11.69 30.14
N ARG B 329 -4.31 11.74 28.88
CA ARG B 329 -3.66 12.96 28.36
C ARG B 329 -4.65 14.11 28.45
N PRO B 330 -4.27 15.26 29.05
CA PRO B 330 -5.16 16.41 29.12
C PRO B 330 -5.84 16.67 27.76
N LEU B 331 -7.09 17.09 27.76
CA LEU B 331 -7.75 17.53 26.51
C LEU B 331 -8.55 18.82 26.76
N CYS B 332 -8.66 19.62 25.72
CA CYS B 332 -9.36 20.92 25.75
C CYS B 332 -10.02 21.19 24.39
N ASN B 333 -11.03 22.05 24.42
CA ASN B 333 -11.94 22.36 23.29
C ASN B 333 -12.64 23.67 23.62
N GLU B 334 -13.22 24.31 22.60
CA GLU B 334 -14.07 25.51 22.74
C GLU B 334 -15.52 25.06 22.68
N GLY B 335 -16.22 25.16 23.80
CA GLY B 335 -17.68 24.96 23.92
C GLY B 335 -18.08 23.50 23.77
N TYR B 336 -17.30 22.57 24.34
CA TYR B 336 -17.58 21.11 24.22
C TYR B 336 -18.88 20.78 24.96
N TYR B 337 -18.93 21.05 26.27
CA TYR B 337 -20.07 20.65 27.13
C TYR B 337 -21.34 21.37 26.66
N GLU B 338 -21.20 22.62 26.21
CA GLU B 338 -22.29 23.48 25.71
C GLU B 338 -22.95 22.82 24.50
N THR B 339 -22.18 22.12 23.66
CA THR B 339 -22.65 21.45 22.41
C THR B 339 -23.83 20.51 22.75
N TYR B 340 -23.78 19.86 23.91
CA TYR B 340 -24.80 18.87 24.34
C TYR B 340 -26.11 19.57 24.77
N ASN B 341 -26.15 20.90 24.83
CA ASN B 341 -27.39 21.69 25.08
C ASN B 341 -28.13 21.93 23.76
N ARG B 342 -27.52 21.58 22.62
CA ARG B 342 -28.15 21.72 21.28
C ARG B 342 -29.31 20.71 21.16
N ASP B 343 -30.29 21.02 20.31
CA ASP B 343 -31.48 20.15 20.10
CA ASP B 343 -31.48 20.15 20.10
C ASP B 343 -31.11 18.98 19.18
N ASN B 344 -29.98 19.07 18.46
CA ASN B 344 -29.63 18.07 17.41
C ASN B 344 -28.48 17.15 17.84
N VAL B 345 -28.15 17.09 19.14
CA VAL B 345 -27.03 16.26 19.68
C VAL B 345 -27.60 15.34 20.76
N SER B 346 -27.39 14.03 20.62
CA SER B 346 -27.77 13.04 21.66
C SER B 346 -26.52 12.28 22.11
N LEU B 347 -26.47 11.95 23.39
CA LEU B 347 -25.34 11.19 24.01
C LEU B 347 -25.84 9.79 24.38
N VAL B 348 -25.19 8.77 23.84
CA VAL B 348 -25.42 7.33 24.15
C VAL B 348 -24.23 6.84 24.98
N SER B 349 -24.45 6.54 26.26
CA SER B 349 -23.42 5.92 27.13
C SER B 349 -23.32 4.45 26.79
N LEU B 350 -22.18 4.01 26.25
CA LEU B 350 -21.93 2.58 25.92
C LEU B 350 -21.71 1.78 27.22
N LYS B 351 -21.47 2.44 28.35
CA LYS B 351 -21.50 1.82 29.70
C LYS B 351 -22.90 1.26 29.98
N GLU B 352 -23.95 1.99 29.57
CA GLU B 352 -25.37 1.65 29.84
C GLU B 352 -25.89 0.76 28.71
N THR B 353 -25.67 1.17 27.46
CA THR B 353 -26.17 0.49 26.24
C THR B 353 -25.01 0.31 25.25
N PRO B 354 -24.14 -0.71 25.45
CA PRO B 354 -23.03 -0.95 24.54
C PRO B 354 -23.50 -1.13 23.09
N ILE B 355 -22.60 -1.00 22.13
CA ILE B 355 -22.89 -1.35 20.71
C ILE B 355 -23.01 -2.87 20.64
N GLU B 356 -24.11 -3.38 20.09
CA GLU B 356 -24.31 -4.82 19.79
C GLU B 356 -23.80 -5.10 18.38
N GLU B 357 -24.19 -4.28 17.41
CA GLU B 357 -23.89 -4.54 15.98
C GLU B 357 -24.06 -3.28 15.16
N ILE B 358 -23.15 -3.05 14.20
CA ILE B 358 -23.32 -2.05 13.11
C ILE B 358 -24.10 -2.74 11.98
N VAL B 359 -25.10 -2.04 11.43
CA VAL B 359 -26.06 -2.60 10.44
C VAL B 359 -26.13 -1.63 9.26
N PRO B 360 -26.62 -2.05 8.07
CA PRO B 360 -26.58 -1.19 6.90
C PRO B 360 -27.08 0.24 7.19
N GLN B 361 -28.09 0.40 8.06
CA GLN B 361 -28.80 1.69 8.27
C GLN B 361 -28.18 2.46 9.44
N GLY B 362 -27.30 1.85 10.25
CA GLY B 362 -26.62 2.55 11.37
C GLY B 362 -26.04 1.61 12.41
N VAL B 363 -26.33 1.89 13.69
CA VAL B 363 -25.74 1.22 14.88
C VAL B 363 -26.86 0.73 15.79
N ARG B 364 -26.94 -0.59 16.03
CA ARG B 364 -27.87 -1.16 17.04
C ARG B 364 -27.13 -1.26 18.37
N THR B 365 -27.64 -0.57 19.40
CA THR B 365 -27.15 -0.63 20.79
C THR B 365 -27.95 -1.69 21.54
N SER B 366 -27.46 -2.06 22.73
CA SER B 366 -27.87 -3.28 23.48
C SER B 366 -29.35 -3.21 23.86
N ASP B 367 -29.92 -2.01 24.01
CA ASP B 367 -31.37 -1.78 24.27
C ASP B 367 -32.21 -2.03 23.00
N GLY B 368 -31.60 -2.44 21.89
CA GLY B 368 -32.29 -2.79 20.62
C GLY B 368 -32.66 -1.58 19.79
N VAL B 369 -32.32 -0.36 20.24
CA VAL B 369 -32.51 0.90 19.46
C VAL B 369 -31.53 0.88 18.26
N VAL B 370 -32.05 1.15 17.07
CA VAL B 370 -31.25 1.33 15.84
C VAL B 370 -31.07 2.82 15.62
N HIS B 371 -29.86 3.32 15.80
CA HIS B 371 -29.48 4.72 15.50
C HIS B 371 -29.28 4.83 13.98
N GLU B 372 -30.19 5.53 13.31
CA GLU B 372 -30.22 5.70 11.83
C GLU B 372 -29.15 6.73 11.48
N LEU B 373 -28.21 6.38 10.60
CA LEU B 373 -27.02 7.21 10.30
C LEU B 373 -26.72 7.18 8.80
N ASP B 374 -26.34 8.33 8.23
CA ASP B 374 -25.77 8.46 6.86
C ASP B 374 -24.24 8.35 6.93
N VAL B 375 -23.64 8.70 8.08
CA VAL B 375 -22.16 8.76 8.28
C VAL B 375 -21.85 8.20 9.66
N LEU B 376 -20.92 7.24 9.75
CA LEU B 376 -20.41 6.69 11.03
C LEU B 376 -18.91 6.97 11.11
N VAL B 377 -18.51 7.76 12.10
CA VAL B 377 -17.12 8.29 12.26
C VAL B 377 -16.46 7.53 13.41
N PHE B 378 -15.33 6.88 13.13
CA PHE B 378 -14.49 6.18 14.13
C PHE B 378 -13.45 7.19 14.63
N ALA B 379 -13.69 7.78 15.79
CA ALA B 379 -12.73 8.63 16.54
C ALA B 379 -12.05 7.75 17.61
N THR B 380 -11.58 6.58 17.19
CA THR B 380 -11.20 5.44 18.07
C THR B 380 -9.68 5.41 18.26
N GLY B 381 -8.96 6.45 17.85
CA GLY B 381 -7.54 6.63 18.20
C GLY B 381 -6.62 5.75 17.38
N PHE B 382 -5.50 5.34 17.98
CA PHE B 382 -4.30 4.86 17.27
C PHE B 382 -3.65 3.69 17.98
N ASP B 383 -3.04 2.81 17.20
CA ASP B 383 -2.06 1.81 17.67
C ASP B 383 -0.80 2.61 18.01
N ALA B 384 -0.81 3.27 19.17
CA ALA B 384 0.09 4.40 19.49
C ALA B 384 1.51 3.90 19.78
N VAL B 385 2.49 4.73 19.44
CA VAL B 385 3.96 4.57 19.69
C VAL B 385 4.52 3.52 18.72
N ASP B 386 4.18 2.24 18.90
CA ASP B 386 4.86 1.08 18.26
C ASP B 386 4.11 0.56 17.03
N GLY B 387 2.92 1.10 16.71
CA GLY B 387 2.05 0.59 15.64
C GLY B 387 2.75 0.41 14.30
N ASN B 388 3.40 1.45 13.78
CA ASN B 388 4.01 1.41 12.42
C ASN B 388 5.36 0.69 12.44
N TYR B 389 5.97 0.49 13.62
CA TYR B 389 7.18 -0.35 13.80
C TYR B 389 6.79 -1.84 13.66
N ARG B 390 5.79 -2.28 14.42
CA ARG B 390 5.36 -3.70 14.44
C ARG B 390 4.79 -4.14 13.09
N ALA B 391 4.16 -3.24 12.32
CA ALA B 391 3.57 -3.53 11.00
C ALA B 391 4.65 -3.62 9.92
N MET B 392 5.84 -3.07 10.17
CA MET B 392 6.96 -3.12 9.19
C MET B 392 7.68 -4.46 9.33
N ASN B 393 8.20 -5.01 8.21
CA ASN B 393 9.19 -6.12 8.26
C ASN B 393 10.54 -5.49 8.60
N LEU B 394 10.76 -5.21 9.90
CA LEU B 394 11.89 -4.44 10.45
C LEU B 394 12.83 -5.42 11.18
N ARG B 395 14.03 -5.65 10.66
CA ARG B 395 14.96 -6.69 11.17
C ARG B 395 16.35 -6.11 11.37
N GLY B 396 16.99 -6.46 12.50
CA GLY B 396 18.34 -6.01 12.86
C GLY B 396 19.35 -7.15 12.80
N ARG B 397 20.28 -7.16 13.76
CA ARG B 397 21.36 -8.19 13.85
C ARG B 397 20.73 -9.56 14.09
N ASP B 398 21.38 -10.61 13.58
CA ASP B 398 20.94 -12.02 13.61
C ASP B 398 19.56 -12.17 12.95
N GLY B 399 19.19 -11.24 12.06
CA GLY B 399 17.92 -11.25 11.28
C GLY B 399 16.68 -11.16 12.16
N ARG B 400 16.81 -10.72 13.42
CA ARG B 400 15.68 -10.73 14.38
C ARG B 400 14.72 -9.58 14.03
N HIS B 401 13.43 -9.88 13.95
CA HIS B 401 12.33 -8.90 13.74
C HIS B 401 12.20 -8.03 15.00
N ILE B 402 11.83 -6.77 14.85
CA ILE B 402 11.64 -5.84 16.01
C ILE B 402 10.65 -6.46 17.01
N ASN B 403 9.64 -7.21 16.56
CA ASN B 403 8.61 -7.81 17.45
C ASN B 403 9.28 -8.78 18.44
N GLU B 404 10.31 -9.52 18.00
CA GLU B 404 11.07 -10.48 18.85
C GLU B 404 11.67 -9.74 20.04
N HIS B 405 12.11 -8.49 19.86
CA HIS B 405 12.75 -7.62 20.90
C HIS B 405 11.69 -7.06 21.86
N TRP B 406 10.42 -7.01 21.45
CA TRP B 406 9.39 -6.17 22.09
C TRP B 406 8.29 -7.00 22.75
N THR B 407 8.59 -8.23 23.21
CA THR B 407 7.56 -9.16 23.76
C THR B 407 7.01 -8.64 25.08
N GLU B 408 7.73 -7.80 25.82
CA GLU B 408 7.26 -7.22 27.10
C GLU B 408 6.88 -5.74 26.90
N GLY B 409 6.62 -5.34 25.66
CA GLY B 409 6.34 -3.94 25.27
C GLY B 409 7.48 -3.33 24.47
N PRO B 410 7.26 -2.17 23.83
CA PRO B 410 8.28 -1.57 22.95
C PRO B 410 9.34 -0.86 23.80
N THR B 411 10.57 -0.80 23.28
CA THR B 411 11.79 -0.41 24.03
C THR B 411 12.70 0.39 23.10
N SER B 412 13.65 1.09 23.71
CA SER B 412 14.63 1.95 23.01
C SER B 412 15.78 2.25 23.95
N TYR B 413 16.81 2.91 23.43
CA TYR B 413 17.78 3.65 24.25
C TYR B 413 17.57 5.13 23.93
N LEU B 414 17.11 5.89 24.92
CA LEU B 414 16.92 7.36 24.88
C LEU B 414 15.73 7.75 24.00
N GLY B 415 14.88 6.80 23.61
CA GLY B 415 13.74 7.06 22.71
C GLY B 415 14.13 7.22 21.24
N VAL B 416 15.42 7.12 20.89
CA VAL B 416 15.94 7.46 19.52
C VAL B 416 16.79 6.33 18.91
N THR B 417 17.23 5.33 19.66
CA THR B 417 18.05 4.19 19.15
C THR B 417 17.48 2.88 19.70
N LYS B 418 17.93 1.75 19.17
CA LYS B 418 17.45 0.38 19.51
C LYS B 418 18.64 -0.58 19.40
N ALA B 419 18.95 -1.25 20.51
CA ALA B 419 19.97 -2.31 20.58
C ALA B 419 19.64 -3.37 19.53
N GLY B 420 20.67 -3.86 18.82
CA GLY B 420 20.52 -4.83 17.72
C GLY B 420 20.16 -4.17 16.40
N PHE B 421 19.93 -2.85 16.35
CA PHE B 421 19.50 -2.10 15.13
C PHE B 421 20.48 -0.98 14.83
N PRO B 422 21.70 -1.31 14.34
CA PRO B 422 22.75 -0.31 14.18
C PRO B 422 22.38 0.75 13.12
N ASN B 423 22.82 1.98 13.31
CA ASN B 423 22.66 3.09 12.32
C ASN B 423 21.17 3.38 12.10
N MET B 424 20.30 2.89 12.99
CA MET B 424 18.86 3.19 12.95
C MET B 424 18.54 4.20 14.05
N PHE B 425 17.84 5.26 13.70
CA PHE B 425 17.43 6.35 14.61
C PHE B 425 15.92 6.50 14.49
N MET B 426 15.26 6.78 15.61
CA MET B 426 13.80 6.93 15.70
C MET B 426 13.51 8.36 16.16
N ILE B 427 12.62 9.07 15.44
CA ILE B 427 12.00 10.35 15.90
C ILE B 427 10.71 9.97 16.63
N LEU B 428 10.69 10.19 17.95
CA LEU B 428 9.59 9.80 18.86
C LEU B 428 9.36 8.29 18.79
N GLY B 429 10.43 7.52 18.92
CA GLY B 429 10.36 6.07 19.18
C GLY B 429 9.85 5.80 20.59
N PRO B 430 9.75 4.52 21.00
CA PRO B 430 9.28 4.16 22.33
C PRO B 430 10.20 4.77 23.41
N ASN B 431 9.62 5.09 24.57
CA ASN B 431 10.32 5.54 25.81
C ASN B 431 11.08 6.85 25.54
N GLY B 432 10.46 7.78 24.83
CA GLY B 432 10.91 9.18 24.70
C GLY B 432 9.96 10.15 25.41
N PRO B 433 10.18 11.47 25.27
CA PRO B 433 9.42 12.47 26.03
C PRO B 433 7.93 12.58 25.69
N PHE B 434 7.15 12.95 26.72
CA PHE B 434 5.68 13.17 26.66
C PHE B 434 5.42 14.68 26.80
N THR B 435 5.35 15.41 25.68
CA THR B 435 5.40 16.90 25.64
C THR B 435 4.67 17.46 24.43
N ASN B 436 4.47 18.78 24.40
CA ASN B 436 4.28 19.56 23.14
C ASN B 436 5.30 19.03 22.13
N THR B 437 4.87 18.60 20.94
CA THR B 437 5.66 17.68 20.08
C THR B 437 6.90 18.37 19.49
N PRO B 438 6.76 19.52 18.79
CA PRO B 438 7.88 20.04 17.99
C PRO B 438 9.20 20.21 18.74
N PRO B 439 9.24 20.81 19.96
CA PRO B 439 10.52 20.96 20.67
C PRO B 439 11.17 19.62 21.02
N SER B 440 10.39 18.60 21.35
CA SER B 440 10.89 17.21 21.57
C SER B 440 11.47 16.66 20.26
N ILE B 441 10.77 16.86 19.14
CA ILE B 441 11.26 16.45 17.79
C ILE B 441 12.61 17.13 17.52
N GLU B 442 12.67 18.44 17.71
CA GLU B 442 13.91 19.25 17.52
C GLU B 442 15.04 18.62 18.33
N ALA B 443 14.83 18.33 19.62
CA ALA B 443 15.88 17.76 20.51
C ALA B 443 16.41 16.46 19.89
N GLN B 444 15.52 15.59 19.42
CA GLN B 444 15.91 14.26 18.90
C GLN B 444 16.63 14.43 17.56
N VAL B 445 16.06 15.22 16.64
CA VAL B 445 16.59 15.40 15.26
C VAL B 445 18.02 15.97 15.34
N GLU B 446 18.23 17.01 16.16
CA GLU B 446 19.55 17.69 16.30
C GLU B 446 20.58 16.73 16.90
N TRP B 447 20.21 15.98 17.95
CA TRP B 447 21.10 14.98 18.62
C TRP B 447 21.45 13.88 17.62
N ILE B 448 20.47 13.40 16.85
CA ILE B 448 20.68 12.33 15.82
C ILE B 448 21.62 12.90 14.74
N SER B 449 21.34 14.11 14.26
CA SER B 449 22.18 14.78 13.22
C SER B 449 23.64 14.84 13.70
N ASP B 450 23.85 15.28 14.95
CA ASP B 450 25.21 15.42 15.55
C ASP B 450 25.93 14.07 15.54
N LEU B 451 25.23 12.98 15.86
CA LEU B 451 25.87 11.64 15.94
C LEU B 451 26.17 11.12 14.52
N ILE B 452 25.27 11.38 13.57
CA ILE B 452 25.45 11.01 12.13
C ILE B 452 26.62 11.82 11.57
N ASP B 453 26.76 13.08 11.96
CA ASP B 453 27.87 13.96 11.52
C ASP B 453 29.20 13.42 12.08
N LYS B 454 29.22 13.03 13.35
CA LYS B 454 30.39 12.39 14.00
C LYS B 454 30.78 11.14 13.21
N ALA B 455 29.82 10.26 12.90
CA ALA B 455 30.05 8.96 12.23
C ALA B 455 30.60 9.19 10.82
N THR B 456 30.17 10.29 10.18
CA THR B 456 30.64 10.73 8.82
C THR B 456 32.10 11.18 8.90
N ARG B 457 32.39 12.19 9.74
CA ARG B 457 33.74 12.78 9.97
C ARG B 457 34.77 11.71 10.33
N GLU B 458 34.43 10.79 11.25
CA GLU B 458 35.37 9.82 11.88
C GLU B 458 35.43 8.51 11.09
N GLY B 459 34.55 8.34 10.09
CA GLY B 459 34.47 7.14 9.25
C GLY B 459 33.92 5.95 10.00
N LEU B 460 33.04 6.17 10.98
CA LEU B 460 32.37 5.07 11.74
C LEU B 460 31.46 4.31 10.78
N THR B 461 31.62 2.99 10.70
CA THR B 461 30.79 2.09 9.87
C THR B 461 29.46 1.81 10.59
N THR B 462 29.48 1.57 11.91
CA THR B 462 28.25 1.33 12.71
C THR B 462 28.28 2.12 14.02
N VAL B 463 27.11 2.63 14.42
CA VAL B 463 26.83 3.06 15.81
C VAL B 463 25.59 2.30 16.30
N GLU B 464 25.63 1.76 17.51
CA GLU B 464 24.47 1.07 18.11
C GLU B 464 24.53 1.13 19.63
N PRO B 465 23.36 1.20 20.31
CA PRO B 465 23.32 1.04 21.75
C PRO B 465 23.51 -0.44 22.14
N THR B 466 24.07 -0.70 23.32
CA THR B 466 24.19 -2.05 23.93
C THR B 466 22.84 -2.50 24.50
N ALA B 467 22.65 -3.80 24.69
CA ALA B 467 21.42 -4.37 25.26
C ALA B 467 21.29 -3.89 26.72
N ASP B 468 22.43 -3.76 27.42
CA ASP B 468 22.47 -3.30 28.83
C ASP B 468 21.99 -1.85 28.92
N ALA B 469 22.50 -0.95 28.07
CA ALA B 469 22.14 0.49 28.09
C ALA B 469 20.62 0.64 27.88
N GLU B 470 20.07 -0.13 26.92
CA GLU B 470 18.62 -0.12 26.61
C GLU B 470 17.80 -0.64 27.79
N ARG B 471 18.21 -1.76 28.40
CA ARG B 471 17.52 -2.35 29.59
C ARG B 471 17.47 -1.33 30.73
N GLU B 472 18.58 -0.63 30.97
CA GLU B 472 18.66 0.42 32.03
C GLU B 472 17.73 1.59 31.68
N TRP B 473 17.60 1.94 30.39
CA TRP B 473 16.66 3.01 29.96
C TRP B 473 15.22 2.56 30.24
N THR B 474 14.87 1.31 29.93
CA THR B 474 13.54 0.75 30.27
C THR B 474 13.27 0.92 31.77
N GLU B 475 14.25 0.56 32.62
CA GLU B 475 14.14 0.63 34.10
C GLU B 475 13.95 2.08 34.54
N THR B 476 14.73 3.01 33.97
CA THR B 476 14.62 4.46 34.25
C THR B 476 13.20 4.95 33.92
N CYS B 477 12.65 4.58 32.77
CA CYS B 477 11.28 4.98 32.34
C CYS B 477 10.22 4.34 33.28
N ALA B 478 10.39 3.08 33.66
CA ALA B 478 9.44 2.36 34.56
C ALA B 478 9.43 3.04 35.93
N GLU B 479 10.60 3.38 36.45
CA GLU B 479 10.75 4.01 37.78
C GLU B 479 10.00 5.35 37.78
N ILE B 480 10.19 6.17 36.74
CA ILE B 480 9.58 7.53 36.67
C ILE B 480 8.06 7.37 36.53
N ALA B 481 7.61 6.51 35.63
CA ALA B 481 6.19 6.29 35.30
C ALA B 481 5.43 5.88 36.56
N ASN B 482 6.03 5.03 37.40
CA ASN B 482 5.28 4.38 38.51
C ASN B 482 5.16 5.33 39.71
N MET B 483 5.76 6.52 39.66
CA MET B 483 5.51 7.59 40.64
C MET B 483 4.38 8.52 40.17
N THR B 484 3.80 8.29 38.98
CA THR B 484 2.66 9.10 38.48
C THR B 484 1.39 8.25 38.49
N LEU B 485 0.25 8.87 38.23
CA LEU B 485 -1.07 8.19 38.13
C LEU B 485 -1.36 7.77 36.68
N PHE B 486 -0.50 8.12 35.72
CA PHE B 486 -0.70 7.85 34.27
C PHE B 486 -0.85 6.35 34.01
N PRO B 487 -0.11 5.44 34.68
CA PRO B 487 -0.30 4.00 34.48
C PRO B 487 -1.69 3.47 34.85
N LYS B 488 -2.50 4.22 35.62
CA LYS B 488 -3.80 3.70 36.13
C LYS B 488 -4.98 4.45 35.48
N ALA B 489 -4.85 4.87 34.21
CA ALA B 489 -5.87 5.63 33.46
C ALA B 489 -6.45 4.84 32.28
N ASP B 490 -5.91 3.68 31.92
CA ASP B 490 -6.38 2.86 30.77
C ASP B 490 -6.54 3.77 29.54
N SER B 491 -5.43 4.27 29.01
CA SER B 491 -5.41 5.12 27.80
CA SER B 491 -5.35 5.16 27.83
C SER B 491 -4.46 4.52 26.77
N TRP B 492 -4.34 5.17 25.61
CA TRP B 492 -3.36 4.80 24.56
C TRP B 492 -1.94 4.91 25.09
N ILE B 493 -1.70 5.68 26.16
CA ILE B 493 -0.33 6.05 26.63
C ILE B 493 0.43 4.79 27.07
N PHE B 494 -0.28 3.82 27.66
CA PHE B 494 0.29 2.55 28.21
C PHE B 494 -0.23 1.35 27.41
N GLY B 495 -0.89 1.57 26.27
CA GLY B 495 -1.26 0.50 25.33
C GLY B 495 -2.54 -0.23 25.70
N ALA B 496 -3.36 0.34 26.59
CA ALA B 496 -4.59 -0.31 27.14
C ALA B 496 -5.83 0.05 26.33
N ASN B 497 -5.70 0.75 25.20
CA ASN B 497 -6.83 1.16 24.31
C ASN B 497 -7.18 0.03 23.32
N ILE B 498 -6.31 -0.97 23.17
CA ILE B 498 -6.43 -2.01 22.12
C ILE B 498 -6.43 -3.40 22.77
N PRO B 499 -7.49 -4.20 22.59
CA PRO B 499 -7.53 -5.56 23.14
C PRO B 499 -6.33 -6.39 22.68
N GLY B 500 -5.58 -6.94 23.64
CA GLY B 500 -4.44 -7.83 23.36
C GLY B 500 -3.12 -7.07 23.27
N LYS B 501 -3.14 -5.74 23.23
CA LYS B 501 -1.89 -4.94 23.25
C LYS B 501 -1.31 -5.00 24.67
N ARG B 502 0.00 -5.17 24.76
CA ARG B 502 0.75 -5.25 26.03
C ARG B 502 0.55 -3.92 26.77
N HIS B 503 0.12 -3.98 28.03
CA HIS B 503 0.09 -2.82 28.95
C HIS B 503 1.53 -2.63 29.42
N ALA B 504 2.16 -1.51 29.04
CA ALA B 504 3.59 -1.24 29.28
C ALA B 504 3.85 0.27 29.24
N VAL B 505 4.91 0.69 29.94
CA VAL B 505 5.54 2.03 29.82
C VAL B 505 5.98 2.19 28.36
N MET B 506 5.61 3.29 27.70
CA MET B 506 6.02 3.59 26.30
C MET B 506 6.53 5.04 26.19
N PHE B 507 6.66 5.74 27.32
CA PHE B 507 7.19 7.12 27.41
C PHE B 507 8.17 7.24 28.59
N TYR B 508 9.18 8.08 28.38
CA TYR B 508 9.95 8.77 29.45
C TYR B 508 9.11 9.97 29.93
N LEU B 509 8.67 9.93 31.18
CA LEU B 509 7.69 10.90 31.73
C LEU B 509 8.41 11.94 32.61
N GLY B 510 9.72 12.10 32.44
CA GLY B 510 10.58 12.99 33.25
C GLY B 510 10.59 14.41 32.73
N GLY B 511 10.05 14.63 31.52
CA GLY B 511 9.83 15.97 30.94
C GLY B 511 10.97 16.40 30.04
N LEU B 512 10.73 17.43 29.20
CA LEU B 512 11.67 17.85 28.13
C LEU B 512 13.00 18.26 28.75
N GLY B 513 12.97 19.02 29.85
CA GLY B 513 14.15 19.51 30.57
C GLY B 513 15.07 18.37 30.94
N ASN B 514 14.56 17.40 31.71
CA ASN B 514 15.30 16.20 32.17
C ASN B 514 15.66 15.31 30.97
N TYR B 515 14.81 15.23 29.94
CA TYR B 515 15.10 14.41 28.74
C TYR B 515 16.32 15.01 28.04
N ARG B 516 16.31 16.33 27.81
CA ARG B 516 17.40 17.05 27.12
CA ARG B 516 17.41 17.08 27.15
C ARG B 516 18.72 16.83 27.89
N ARG B 517 18.67 16.77 29.24
CA ARG B 517 19.87 16.54 30.09
C ARG B 517 20.40 15.11 29.87
N GLN B 518 19.51 14.11 29.80
CA GLN B 518 19.90 12.70 29.52
C GLN B 518 20.67 12.66 28.20
N LEU B 519 20.10 13.25 27.13
CA LEU B 519 20.72 13.28 25.78
C LEU B 519 22.11 13.92 25.86
N ALA B 520 22.21 15.11 26.47
CA ALA B 520 23.46 15.90 26.60
C ALA B 520 24.52 15.09 27.35
N ASP B 521 24.18 14.43 28.47
CA ASP B 521 25.17 13.67 29.29
C ASP B 521 25.67 12.46 28.49
N VAL B 522 24.79 11.79 27.73
CA VAL B 522 25.22 10.65 26.88
C VAL B 522 26.27 11.16 25.89
N ALA B 523 25.98 12.22 25.13
CA ALA B 523 26.90 12.78 24.10
C ALA B 523 28.19 13.25 24.78
N ASP B 524 28.09 13.98 25.90
CA ASP B 524 29.24 14.49 26.70
C ASP B 524 30.18 13.33 27.08
N GLY B 525 29.62 12.19 27.50
CA GLY B 525 30.40 11.03 27.97
C GLY B 525 30.84 10.09 26.85
N GLY B 526 31.08 10.60 25.63
CA GLY B 526 31.55 9.78 24.50
C GLY B 526 30.49 8.80 24.03
N TYR B 527 29.22 9.21 24.09
CA TYR B 527 28.05 8.40 23.68
C TYR B 527 28.04 7.14 24.54
N ARG B 528 27.86 7.37 25.84
CA ARG B 528 27.69 6.35 26.91
C ARG B 528 26.58 5.39 26.50
N GLY B 529 26.85 4.09 26.53
CA GLY B 529 25.89 3.02 26.19
C GLY B 529 25.93 2.65 24.72
N PHE B 530 26.73 3.35 23.91
CA PHE B 530 26.93 3.07 22.46
C PHE B 530 28.27 2.39 22.22
N GLN B 531 28.30 1.45 21.27
CA GLN B 531 29.52 0.96 20.60
C GLN B 531 29.65 1.66 19.24
N LEU B 532 30.67 2.51 19.11
CA LEU B 532 31.02 3.27 17.90
C LEU B 532 32.17 2.52 17.20
N ARG B 533 31.97 2.02 15.98
CA ARG B 533 32.97 1.16 15.28
C ARG B 533 33.34 1.79 13.94
N GLY B 534 34.63 1.89 13.64
CA GLY B 534 35.17 2.44 12.37
C GLY B 534 36.59 1.98 12.10
PA FAD C . 0.10 -5.42 -16.43
O1A FAD C . 1.34 -5.24 -17.23
O2A FAD C . -0.05 -6.53 -15.44
O5B FAD C . -0.20 -4.03 -15.68
C5B FAD C . -1.23 -3.92 -14.68
C4B FAD C . -0.75 -2.93 -13.63
O4B FAD C . -1.85 -2.52 -12.80
C3B FAD C . 0.35 -3.46 -12.70
O3B FAD C . 1.51 -2.68 -12.90
C2B FAD C . -0.23 -3.27 -11.28
O2B FAD C . 0.74 -2.76 -10.39
C1B FAD C . -1.32 -2.24 -11.52
N9A FAD C . -2.42 -2.32 -10.57
C8A FAD C . -3.25 -3.39 -10.34
N7A FAD C . -4.14 -3.12 -9.40
C5A FAD C . -3.89 -1.81 -9.02
C6A FAD C . -4.51 -0.96 -8.10
N6A FAD C . -5.53 -1.30 -7.32
N1A FAD C . -4.02 0.31 -8.00
C2A FAD C . -2.98 0.65 -8.77
N3A FAD C . -2.31 -0.07 -9.67
C4A FAD C . -2.83 -1.31 -9.74
N1 FAD C . 1.88 -11.97 -22.94
C2 FAD C . 2.06 -12.13 -24.28
O2 FAD C . 1.10 -12.09 -25.06
N3 FAD C . 3.29 -12.28 -24.82
C4 FAD C . 4.42 -12.35 -24.05
O4 FAD C . 5.50 -12.47 -24.61
C4X FAD C . 4.27 -12.26 -22.64
N5 FAD C . 5.32 -12.34 -21.87
C5X FAD C . 5.13 -12.31 -20.51
C6 FAD C . 6.24 -12.47 -19.66
C7 FAD C . 6.11 -12.47 -18.29
C7M FAD C . 7.32 -12.66 -17.42
C8 FAD C . 4.83 -12.28 -17.72
C8M FAD C . 4.63 -12.27 -16.23
C9 FAD C . 3.74 -12.06 -18.54
C9A FAD C . 3.86 -12.10 -19.94
N10 FAD C . 2.77 -11.96 -20.79
C10 FAD C . 2.92 -12.05 -22.17
C1' FAD C . 1.45 -11.60 -20.24
C2' FAD C . 1.45 -10.09 -19.83
O2' FAD C . 0.61 -9.87 -18.71
C3' FAD C . 1.02 -9.11 -20.94
O3' FAD C . 1.83 -9.29 -22.08
C4' FAD C . 1.02 -7.60 -20.60
O4' FAD C . 2.28 -7.21 -20.06
C5' FAD C . -0.08 -7.19 -19.66
O5' FAD C . -0.22 -5.74 -19.72
P FAD C . -1.41 -5.03 -18.93
O1P FAD C . -1.18 -3.55 -18.98
O2P FAD C . -2.72 -5.58 -19.37
O3P FAD C . -1.13 -5.55 -17.44
PA NAP D . 1.80 -20.66 -14.03
O1A NAP D . 1.81 -20.94 -15.50
O2A NAP D . 0.50 -20.55 -13.32
O5B NAP D . 2.74 -21.72 -13.30
C5B NAP D . 2.76 -21.82 -11.86
C4B NAP D . 3.67 -22.96 -11.48
O4B NAP D . 3.76 -23.06 -10.03
C3B NAP D . 3.21 -24.35 -11.95
O3B NAP D . 4.31 -25.20 -12.24
C2B NAP D . 2.41 -24.83 -10.75
O2B NAP D . 2.29 -26.24 -10.68
C1B NAP D . 3.32 -24.34 -9.64
N9A NAP D . 2.65 -24.25 -8.35
C8A NAP D . 1.57 -23.46 -8.03
N7A NAP D . 1.17 -23.62 -6.80
C5A NAP D . 2.04 -24.56 -6.27
C6A NAP D . 2.14 -25.16 -5.00
N6A NAP D . 1.32 -24.86 -4.00
N1A NAP D . 3.12 -26.07 -4.81
C2A NAP D . 3.93 -26.35 -5.84
N3A NAP D . 3.93 -25.86 -7.07
C4A NAP D . 2.95 -24.96 -7.22
O3 NAP D . 2.63 -19.30 -13.73
PN NAP D . 3.78 -18.52 -14.53
O1N NAP D . 4.09 -17.26 -13.80
O2N NAP D . 4.91 -19.44 -14.88
O5D NAP D . 3.00 -18.19 -15.88
C5D NAP D . 1.86 -17.30 -15.79
C4D NAP D . 1.68 -16.63 -17.13
O4D NAP D . 2.46 -15.41 -17.18
C3D NAP D . 2.14 -17.45 -18.34
O3D NAP D . 1.20 -18.46 -18.70
C2D NAP D . 2.28 -16.36 -19.41
O2D NAP D . 1.04 -15.97 -19.97
C1D NAP D . 2.95 -15.29 -18.54
N1N NAP D . 4.44 -15.49 -18.54
C2N NAP D . 5.13 -15.44 -19.74
C3N NAP D . 6.53 -15.59 -19.77
C7N NAP D . 7.29 -15.44 -21.07
O7N NAP D . 8.35 -16.04 -21.24
N7N NAP D . 6.81 -14.61 -21.97
C4N NAP D . 7.18 -15.90 -18.58
C5N NAP D . 6.51 -15.73 -17.37
C6N NAP D . 5.13 -15.75 -17.37
P2B NAP D . 0.80 -26.86 -10.46
O1X NAP D . 0.11 -26.55 -11.75
O2X NAP D . 0.99 -28.34 -10.26
O3X NAP D . 0.15 -26.22 -9.24
NA NA E . 0.82 -26.37 -13.83
NA NA F . 15.29 -27.36 -25.19
PA FAD G . 3.28 12.20 12.07
O1A FAD G . 2.85 13.63 11.90
O2A FAD G . 2.30 11.17 12.53
O5B FAD G . 4.05 11.72 10.75
C5B FAD G . 4.45 10.34 10.59
C4B FAD G . 4.29 9.97 9.14
O4B FAD G . 4.92 8.68 8.88
C3B FAD G . 2.84 9.80 8.65
O3B FAD G . 2.56 10.74 7.62
C2B FAD G . 2.75 8.36 8.12
O2B FAD G . 1.99 8.25 6.93
C1B FAD G . 4.21 8.06 7.84
N9A FAD G . 4.54 6.64 7.85
C8A FAD G . 4.39 5.79 8.92
N7A FAD G . 4.80 4.57 8.64
C5A FAD G . 5.27 4.64 7.34
C6A FAD G . 5.84 3.68 6.49
N6A FAD G . 6.03 2.42 6.84
N1A FAD G . 6.20 4.10 5.24
C2A FAD G . 6.00 5.38 4.90
N3A FAD G . 5.45 6.37 5.62
C4A FAD G . 5.12 5.93 6.84
N1 FAD G . 0.67 17.09 19.63
C2 FAD G . 0.94 18.22 20.34
O2 FAD G . 1.95 18.30 21.05
N3 FAD G . 0.16 19.32 20.27
C4 FAD G . -0.98 19.37 19.50
O4 FAD G . -1.63 20.39 19.45
C4X FAD G . -1.34 18.19 18.79
N5 FAD G . -2.44 18.17 18.08
C5X FAD G . -2.78 16.99 17.45
C6 FAD G . -3.99 16.92 16.72
C7 FAD G . -4.40 15.77 16.08
C7M FAD G . -5.70 15.73 15.32
C8 FAD G . -3.57 14.61 16.17
C8M FAD G . -3.96 13.33 15.49
C9 FAD G . -2.36 14.68 16.83
C9A FAD G . -1.95 15.85 17.50
N10 FAD G . -0.78 15.92 18.25
C10 FAD G . -0.44 17.07 18.92
C1' FAD G . 0.17 14.79 18.22
C2' FAD G . 0.91 14.79 16.85
O2' FAD G . 1.19 13.45 16.46
C3' FAD G . 2.24 15.58 16.81
O3' FAD G . 2.01 16.96 17.18
C4' FAD G . 2.98 15.62 15.46
O4' FAD G . 2.11 16.04 14.40
C5' FAD G . 3.60 14.29 15.07
O5' FAD G . 4.63 14.50 14.05
P FAD G . 5.55 13.25 13.59
O1P FAD G . 6.31 13.65 12.37
O2P FAD G . 6.26 12.68 14.77
O3P FAD G . 4.45 12.17 13.17
PA NAP H . -8.00 8.35 22.05
O1A NAP H . -7.60 9.45 23.00
O2A NAP H . -7.32 7.03 22.17
O5B NAP H . -9.57 8.18 22.11
C5B NAP H . -10.23 7.07 21.44
C4B NAP H . -11.70 7.08 21.83
O4B NAP H . -12.36 5.97 21.18
C3B NAP H . -12.00 6.92 23.33
O3B NAP H . -13.16 7.65 23.72
C2B NAP H . -12.17 5.41 23.44
O2B NAP H . -12.90 4.99 24.57
C1B NAP H . -12.96 5.16 22.16
N9A NAP H . -12.94 3.78 21.72
C8A NAP H . -11.85 3.00 21.41
N7A NAP H . -12.16 1.77 21.09
C5A NAP H . -13.54 1.73 21.21
C6A NAP H . -14.48 0.69 21.03
N6A NAP H . -14.15 -0.53 20.67
N1A NAP H . -15.78 0.99 21.26
C2A NAP H . -16.10 2.23 21.63
N3A NAP H . -15.31 3.28 21.84
C4A NAP H . -14.03 2.96 21.61
O3 NAP H . -7.86 8.91 20.55
PN NAP H . -7.92 10.39 19.89
O1N NAP H . -9.14 11.10 20.38
O2N NAP H . -7.71 10.28 18.41
O5D NAP H . -6.66 11.09 20.55
C5D NAP H . -5.37 10.45 20.45
C4D NAP H . -4.32 11.50 20.65
O4D NAP H . -4.12 12.19 19.41
C3D NAP H . -4.67 12.60 21.66
O3D NAP H . -4.52 12.14 22.99
C2D NAP H . -3.73 13.72 21.23
O2D NAP H . -2.40 13.58 21.67
C1D NAP H . -3.88 13.59 19.71
N1N NAP H . -5.02 14.41 19.23
C2N NAP H . -4.99 15.78 19.49
C3N NAP H . -6.07 16.60 19.15
C7N NAP H . -5.96 18.05 19.54
O7N NAP H . -4.95 18.67 19.23
N7N NAP H . -6.98 18.59 20.21
C4N NAP H . -7.15 16.04 18.50
C5N NAP H . -7.03 14.75 18.00
C6N NAP H . -6.09 13.89 18.54
P2B NAP H . -12.10 4.18 25.76
O1X NAP H . -13.24 3.46 26.45
O2X NAP H . -11.42 5.24 26.64
O3X NAP H . -11.13 3.21 25.15
NA NA I . 31.19 -1.53 11.77
NA NA J . 3.70 15.07 21.33
NA NA K . -2.01 23.74 2.01
#